data_3PFF
#
_entry.id   3PFF
#
_cell.length_a   167.540
_cell.length_b   61.700
_cell.length_c   107.980
_cell.angle_alpha   90.00
_cell.angle_beta   125.47
_cell.angle_gamma   90.00
#
_symmetry.space_group_name_H-M   'C 1 2 1'
#
loop_
_entity.id
_entity.type
_entity.pdbx_description
1 polymer 'ATP-citrate synthase'
2 non-polymer 'MAGNESIUM ION'
3 non-polymer 'L(+)-TARTARIC ACID'
4 non-polymer "ADENOSINE-5'-DIPHOSPHATE"
5 water water
#
_entity_poly.entity_id   1
_entity_poly.type   'polypeptide(L)'
_entity_poly.pdbx_seq_one_letter_code
;MSAKAISEQTGKELLYKFICTTSAIQNRFKYARVTPDTDWARLLQDHPWLLSQNLVVKPDQLIKRRGKLGLVGVNLTLDG
VKSWLKPRLGQEATVGKATGFLKNFLIEPFVPHSQAEEFYVCIYATREGDYVLFHHEGGVDVGDVDAKAQKLLVGVDEKL
NPEDIKKHLLVHAPEDKKEILASFISGLFNFYEDLYFTYLEINPLVVTKDGVYVLDLAAKVDATADYICKVKWGDIEFPP
PFGREAYPEEAYIADLDAKSGASLKLTLLNPKGRIWTMVAGGGASVVYSDTICDLGGVNELANYGEYSGAPSEQQTYDYA
KTILSLMTREKHPDGKILIIGGSIANFTNVAATFKGIVRAIRDYQGPLKEHEVTIFVRRGGPNYQEGLRVMGEVGKTTGI
PIHVFGTETHMTAIVGMALGHRPIPNQPPTAAHTANFLLNASGSTSTPAPSRTASFSESRADEVAPAKKAKPAMPQDSVP
SPRSLQGKSTTLFSRHTKAIVWGMQTRAVQGMLDFDYVCSRDEPSVAAMVYPFTGDHKQKFYWGHKEILIPVFKNMADAM
RKHPEVDVLINFASLRSAYDSTMETMNYAQIRTIAIIAEGIPEALTRKLIKKADQKGVTIIGPATVGGIKPGCFKIGNTG
GMLDNILASKLYRPGSVAYVSRSGGMSNELNNIISRTTDGVYEGVAIGGDRYPGSTFMDHVLRYQDTPGVKMIVVLGEIG
GTEEYKICRGIKEGRLTKPIVCWCIGTCATMFSSEVQFGHAGACANQASETAVAKNQALKEAGVFVPRSFDELGEIIQSV
YEDLVANGVIVPAQEVPAALEHHHHHHHH
;
_entity_poly.pdbx_strand_id   A
#
# COMPACT_ATOMS: atom_id res chain seq x y z
N SER A 2 2.53 5.50 0.66
CA SER A 2 3.74 4.83 0.17
C SER A 2 4.92 5.79 -0.06
N ALA A 3 6.12 5.25 -0.15
CA ALA A 3 7.27 6.04 -0.58
C ALA A 3 7.13 6.37 -2.08
N LYS A 4 7.58 7.56 -2.47
CA LYS A 4 7.51 8.00 -3.87
C LYS A 4 8.80 8.66 -4.30
N ALA A 5 9.21 8.36 -5.53
CA ALA A 5 10.40 8.99 -6.10
C ALA A 5 10.18 10.47 -6.30
N ILE A 6 11.26 11.26 -6.17
CA ILE A 6 11.25 12.67 -6.54
C ILE A 6 12.37 12.92 -7.56
N SER A 7 12.27 13.98 -8.35
CA SER A 7 13.27 14.26 -9.38
C SER A 7 14.63 14.58 -8.78
N GLU A 8 15.68 14.56 -9.59
CA GLU A 8 16.99 14.90 -9.06
C GLU A 8 17.00 16.37 -8.65
N GLN A 9 16.36 17.22 -9.43
CA GLN A 9 16.32 18.65 -9.12
C GLN A 9 15.63 18.86 -7.78
N THR A 10 14.46 18.25 -7.62
CA THR A 10 13.75 18.35 -6.36
C THR A 10 14.60 17.97 -5.16
N GLY A 11 15.24 16.81 -5.20
CA GLY A 11 16.05 16.37 -4.08
C GLY A 11 17.27 17.25 -3.84
N LYS A 12 17.88 17.71 -4.92
CA LYS A 12 19.04 18.59 -4.77
C LYS A 12 18.59 19.90 -4.11
N GLU A 13 17.50 20.45 -4.61
CA GLU A 13 16.97 21.68 -4.06
C GLU A 13 16.71 21.50 -2.57
N LEU A 14 16.03 20.41 -2.24
CA LEU A 14 15.76 20.09 -0.85
C LEU A 14 17.07 19.99 -0.07
N LEU A 15 18.07 19.35 -0.65
CA LEU A 15 19.33 19.15 0.05
C LEU A 15 20.07 20.49 0.23
N TYR A 16 20.14 21.29 -0.82
CA TYR A 16 20.74 22.62 -0.74
C TYR A 16 20.04 23.55 0.28
N LYS A 17 18.72 23.47 0.36
CA LYS A 17 17.97 24.26 1.32
C LYS A 17 18.18 23.79 2.75
N PHE A 18 18.12 22.49 2.97
CA PHE A 18 17.90 22.00 4.33
C PHE A 18 19.08 21.35 5.07
N ILE A 19 20.11 20.89 4.34
CA ILE A 19 21.21 20.19 5.01
C ILE A 19 22.07 21.10 5.92
N CYS A 20 22.32 20.62 7.14
N CYS A 20 22.33 20.62 7.13
CA CYS A 20 23.19 21.32 8.09
CA CYS A 20 23.19 21.35 8.06
C CYS A 20 24.51 20.56 8.25
C CYS A 20 24.50 20.57 8.25
N THR A 21 25.57 21.09 7.67
CA THR A 21 26.87 20.45 7.76
C THR A 21 27.96 21.53 7.81
N THR A 22 29.03 21.26 8.55
CA THR A 22 30.15 22.20 8.61
C THR A 22 30.98 22.11 7.33
N SER A 23 30.79 21.04 6.57
CA SER A 23 31.58 20.83 5.37
C SER A 23 31.09 21.76 4.27
N ALA A 24 31.99 22.27 3.45
CA ALA A 24 31.62 23.27 2.46
C ALA A 24 30.97 22.59 1.27
N ILE A 25 29.71 22.92 1.01
CA ILE A 25 29.01 22.39 -0.16
C ILE A 25 28.96 23.43 -1.29
N GLN A 26 29.61 23.12 -2.42
CA GLN A 26 29.75 24.02 -3.55
C GLN A 26 28.56 23.99 -4.52
N ASN A 27 28.43 25.06 -5.32
CA ASN A 27 27.41 25.11 -6.36
C ASN A 27 25.96 24.98 -5.89
N ARG A 28 25.69 25.37 -4.65
CA ARG A 28 24.31 25.41 -4.18
C ARG A 28 23.37 26.12 -5.16
N PHE A 29 22.25 25.47 -5.49
CA PHE A 29 21.24 26.05 -6.38
C PHE A 29 21.71 26.36 -7.80
N LYS A 30 22.94 25.99 -8.15
CA LYS A 30 23.42 26.23 -9.51
C LYS A 30 22.93 25.12 -10.41
N TYR A 31 21.69 25.22 -10.87
CA TYR A 31 21.15 24.29 -11.85
C TYR A 31 20.07 24.98 -12.66
N ALA A 32 19.92 24.60 -13.92
CA ALA A 32 18.86 25.18 -14.74
C ALA A 32 18.09 24.07 -15.44
N ARG A 33 16.79 24.22 -15.50
CA ARG A 33 15.93 23.17 -16.03
C ARG A 33 15.52 23.52 -17.45
N VAL A 34 15.51 22.53 -18.33
CA VAL A 34 15.23 22.78 -19.73
C VAL A 34 14.22 21.79 -20.30
N THR A 35 13.25 22.33 -21.04
CA THR A 35 12.24 21.53 -21.72
C THR A 35 12.05 22.08 -23.14
N PRO A 36 11.23 21.41 -23.96
CA PRO A 36 10.88 21.85 -25.31
C PRO A 36 10.16 23.21 -25.35
N ASP A 37 9.63 23.66 -24.23
CA ASP A 37 8.99 24.97 -24.19
C ASP A 37 9.92 26.05 -23.64
N THR A 38 11.16 25.67 -23.35
CA THR A 38 12.11 26.62 -22.77
C THR A 38 12.44 27.77 -23.72
N ASP A 39 12.39 28.97 -23.18
CA ASP A 39 12.83 30.19 -23.84
C ASP A 39 14.30 30.41 -23.52
N TRP A 40 15.17 30.10 -24.46
CA TRP A 40 16.60 30.19 -24.20
C TRP A 40 17.10 31.60 -23.94
N ALA A 41 16.26 32.60 -24.21
CA ALA A 41 16.61 33.96 -23.88
C ALA A 41 16.32 34.25 -22.40
N ARG A 42 15.11 33.93 -21.95
CA ARG A 42 14.76 34.02 -20.53
C ARG A 42 15.70 33.17 -19.67
N LEU A 43 15.87 31.91 -20.07
CA LEU A 43 16.72 30.98 -19.34
C LEU A 43 18.05 31.64 -19.01
N LEU A 44 18.64 32.26 -20.02
CA LEU A 44 19.96 32.85 -19.90
C LEU A 44 19.97 34.09 -19.01
N GLN A 45 18.91 34.89 -19.13
CA GLN A 45 18.77 36.07 -18.28
C GLN A 45 18.60 35.62 -16.83
N ASP A 46 17.77 34.61 -16.61
CA ASP A 46 17.56 34.07 -15.27
C ASP A 46 18.78 33.32 -14.74
N HIS A 47 19.59 32.77 -15.63
CA HIS A 47 20.77 32.00 -15.22
C HIS A 47 22.00 32.45 -15.98
N PRO A 48 22.48 33.66 -15.67
CA PRO A 48 23.66 34.17 -16.37
C PRO A 48 24.92 33.39 -16.02
N TRP A 49 24.91 32.63 -14.93
CA TRP A 49 26.06 31.79 -14.60
C TRP A 49 26.36 30.73 -15.68
N LEU A 50 25.38 30.44 -16.53
CA LEU A 50 25.56 29.48 -17.62
C LEU A 50 26.71 29.85 -18.54
N LEU A 51 27.03 31.15 -18.59
CA LEU A 51 28.10 31.66 -19.44
C LEU A 51 29.47 31.61 -18.74
N SER A 52 29.44 31.67 -17.41
CA SER A 52 30.65 31.69 -16.59
C SER A 52 31.59 30.55 -16.90
N GLN A 53 31.06 29.34 -16.96
CA GLN A 53 31.90 28.16 -17.02
C GLN A 53 31.29 27.02 -17.83
N ASN A 54 32.10 26.01 -18.13
CA ASN A 54 31.57 24.86 -18.85
C ASN A 54 30.48 24.11 -18.06
N LEU A 55 29.74 23.27 -18.76
CA LEU A 55 28.50 22.73 -18.21
C LEU A 55 28.38 21.22 -18.38
N VAL A 56 27.41 20.65 -17.67
CA VAL A 56 26.99 19.27 -17.89
C VAL A 56 25.47 19.32 -18.12
N VAL A 57 24.99 18.52 -19.05
CA VAL A 57 23.56 18.43 -19.33
C VAL A 57 23.13 16.96 -19.38
N LYS A 58 21.94 16.66 -18.84
CA LYS A 58 21.47 15.29 -18.76
C LYS A 58 19.99 15.29 -18.39
N PRO A 59 19.26 14.24 -18.80
CA PRO A 59 17.81 14.17 -18.54
C PRO A 59 17.55 13.94 -17.06
N ASP A 60 16.46 14.50 -16.56
CA ASP A 60 16.04 14.28 -15.17
C ASP A 60 14.62 13.69 -15.19
N GLN A 61 14.54 12.38 -15.39
CA GLN A 61 13.26 11.70 -15.60
C GLN A 61 13.25 10.30 -14.99
N LEU A 62 14.07 10.12 -13.97
CA LEU A 62 14.15 8.85 -13.26
C LEU A 62 14.73 7.77 -14.18
N ILE A 63 15.69 8.17 -15.02
CA ILE A 63 16.43 7.23 -15.85
C ILE A 63 17.76 6.96 -15.16
N LYS A 64 18.04 5.69 -14.86
CA LYS A 64 19.30 5.30 -14.21
C LYS A 64 20.42 5.10 -15.24
N ARG A 65 21.67 5.23 -14.79
CA ARG A 65 22.83 4.95 -15.65
C ARG A 65 22.95 5.83 -16.90
N ARG A 66 22.60 7.12 -16.81
CA ARG A 66 22.64 7.97 -18.00
C ARG A 66 24.04 8.05 -18.63
N GLY A 67 25.08 8.02 -17.80
CA GLY A 67 26.44 8.07 -18.31
C GLY A 67 26.69 6.95 -19.29
N LYS A 68 26.53 5.71 -18.84
CA LYS A 68 26.67 4.54 -19.72
C LYS A 68 25.80 4.58 -20.98
N LEU A 69 24.57 5.11 -20.87
CA LEU A 69 23.68 5.19 -22.03
C LEU A 69 23.99 6.39 -22.92
N GLY A 70 25.06 7.11 -22.64
CA GLY A 70 25.43 8.25 -23.45
C GLY A 70 24.46 9.42 -23.34
N LEU A 71 23.79 9.54 -22.20
CA LEU A 71 22.81 10.61 -22.00
C LEU A 71 23.34 11.72 -21.09
N VAL A 72 24.66 11.79 -20.94
CA VAL A 72 25.26 12.87 -20.16
C VAL A 72 26.28 13.66 -21.00
N GLY A 73 25.90 14.87 -21.38
CA GLY A 73 26.83 15.77 -22.05
C GLY A 73 27.77 16.38 -21.02
N VAL A 74 29.06 16.15 -21.17
CA VAL A 74 30.00 16.60 -20.15
C VAL A 74 30.96 17.68 -20.65
N ASN A 75 31.12 18.73 -19.84
CA ASN A 75 32.16 19.74 -20.07
C ASN A 75 31.95 20.47 -21.38
N LEU A 76 30.78 21.08 -21.54
CA LEU A 76 30.41 21.76 -22.76
C LEU A 76 30.18 23.23 -22.50
N THR A 77 30.31 24.06 -23.54
CA THR A 77 29.90 25.45 -23.42
C THR A 77 28.39 25.51 -23.57
N LEU A 78 27.81 26.65 -23.23
CA LEU A 78 26.37 26.81 -23.42
C LEU A 78 25.98 26.44 -24.85
N ASP A 79 26.78 26.86 -25.83
CA ASP A 79 26.49 26.52 -27.22
C ASP A 79 26.65 25.02 -27.48
N GLY A 80 27.66 24.42 -26.86
CA GLY A 80 27.85 22.98 -26.98
C GLY A 80 26.68 22.23 -26.37
N VAL A 81 26.09 22.81 -25.32
CA VAL A 81 24.95 22.19 -24.68
C VAL A 81 23.73 22.28 -25.57
N LYS A 82 23.53 23.44 -26.18
CA LYS A 82 22.42 23.63 -27.11
C LYS A 82 22.46 22.65 -28.26
N SER A 83 23.67 22.29 -28.68
CA SER A 83 23.86 21.45 -29.85
C SER A 83 23.78 19.96 -29.49
N TRP A 84 24.22 19.61 -28.28
CA TRP A 84 24.02 18.27 -27.74
C TRP A 84 22.53 17.98 -27.56
N LEU A 85 21.75 19.02 -27.31
CA LEU A 85 20.34 18.85 -27.02
C LEU A 85 19.47 18.73 -28.26
N LYS A 86 19.97 19.26 -29.38
CA LYS A 86 19.18 19.33 -30.60
C LYS A 86 18.67 17.98 -31.12
N PRO A 87 19.56 16.98 -31.23
CA PRO A 87 19.12 15.64 -31.65
C PRO A 87 18.39 14.84 -30.57
N ARG A 88 18.32 15.38 -29.35
CA ARG A 88 17.82 14.61 -28.22
C ARG A 88 16.51 15.13 -27.61
N LEU A 89 16.40 16.44 -27.44
CA LEU A 89 15.28 17.03 -26.73
C LEU A 89 13.97 16.91 -27.52
N GLY A 90 12.96 16.30 -26.90
CA GLY A 90 11.69 16.05 -27.57
C GLY A 90 11.67 14.75 -28.35
N GLN A 91 12.79 14.06 -28.36
CA GLN A 91 12.92 12.81 -29.11
C GLN A 91 12.61 11.59 -28.24
N GLU A 92 12.12 10.54 -28.87
CA GLU A 92 11.87 9.28 -28.17
C GLU A 92 13.18 8.58 -27.85
N ALA A 93 13.29 8.03 -26.65
CA ALA A 93 14.41 7.16 -26.28
C ALA A 93 13.88 5.91 -25.59
N THR A 94 14.64 4.82 -25.69
CA THR A 94 14.27 3.56 -25.06
C THR A 94 15.30 3.18 -24.00
N VAL A 95 14.82 2.83 -22.82
CA VAL A 95 15.70 2.46 -21.71
C VAL A 95 15.11 1.27 -20.97
N GLY A 96 15.80 0.15 -21.00
CA GLY A 96 15.22 -1.10 -20.52
C GLY A 96 13.99 -1.39 -21.35
N LYS A 97 12.88 -1.73 -20.71
CA LYS A 97 11.63 -1.98 -21.44
C LYS A 97 10.85 -0.69 -21.70
N ALA A 98 11.30 0.42 -21.10
CA ALA A 98 10.56 1.66 -21.20
C ALA A 98 10.89 2.48 -22.44
N THR A 99 9.86 3.03 -23.05
CA THR A 99 10.04 3.99 -24.13
C THR A 99 9.26 5.27 -23.87
N GLY A 100 9.93 6.41 -24.00
CA GLY A 100 9.26 7.69 -23.83
C GLY A 100 10.06 8.84 -24.39
N PHE A 101 9.46 10.03 -24.37
CA PHE A 101 10.14 11.24 -24.82
C PHE A 101 11.07 11.81 -23.76
N LEU A 102 12.22 12.28 -24.20
CA LEU A 102 13.12 13.02 -23.35
C LEU A 102 12.70 14.47 -23.41
N LYS A 103 12.11 14.97 -22.34
CA LYS A 103 11.57 16.33 -22.38
C LYS A 103 11.98 17.17 -21.18
N ASN A 104 12.78 16.59 -20.29
CA ASN A 104 13.18 17.31 -19.09
C ASN A 104 14.66 17.14 -18.76
N PHE A 105 15.44 18.19 -18.97
CA PHE A 105 16.88 18.12 -18.77
C PHE A 105 17.36 19.08 -17.69
N LEU A 106 18.48 18.74 -17.08
CA LEU A 106 19.05 19.55 -16.03
C LEU A 106 20.42 20.00 -16.50
N ILE A 107 20.72 21.29 -16.37
CA ILE A 107 22.04 21.82 -16.72
C ILE A 107 22.75 22.28 -15.46
N GLU A 108 24.03 21.94 -15.33
CA GLU A 108 24.78 22.25 -14.12
C GLU A 108 26.22 22.56 -14.52
N PRO A 109 26.96 23.23 -13.63
CA PRO A 109 28.37 23.55 -13.90
C PRO A 109 29.22 22.29 -13.97
N PHE A 110 30.14 22.25 -14.92
CA PHE A 110 31.11 21.18 -14.95
C PHE A 110 32.01 21.30 -13.73
N VAL A 111 32.34 20.17 -13.11
CA VAL A 111 33.20 20.18 -11.93
C VAL A 111 34.44 19.36 -12.18
N PRO A 112 35.57 20.00 -12.50
CA PRO A 112 36.76 19.22 -12.78
C PRO A 112 37.12 18.45 -11.53
N HIS A 113 37.53 17.21 -11.69
CA HIS A 113 37.92 16.39 -10.54
C HIS A 113 38.54 15.11 -11.06
N SER A 114 39.28 14.42 -10.20
CA SER A 114 39.90 13.15 -10.58
C SER A 114 39.01 11.98 -10.22
N GLN A 115 39.23 10.84 -10.86
CA GLN A 115 38.41 9.69 -10.56
C GLN A 115 38.49 9.35 -9.09
N ALA A 116 39.62 9.63 -8.46
CA ALA A 116 39.84 9.24 -7.08
C ALA A 116 39.08 10.15 -6.13
N GLU A 117 38.51 11.23 -6.68
CA GLU A 117 37.72 12.17 -5.90
C GLU A 117 36.22 11.89 -6.01
N GLU A 118 35.86 10.77 -6.64
CA GLU A 118 34.46 10.36 -6.68
C GLU A 118 34.17 9.32 -5.61
N PHE A 119 33.15 9.59 -4.80
CA PHE A 119 32.78 8.68 -3.74
C PHE A 119 31.33 8.21 -3.90
N TYR A 120 30.92 7.26 -3.07
CA TYR A 120 29.56 6.74 -3.10
C TYR A 120 28.93 6.77 -1.71
N VAL A 121 27.72 7.31 -1.62
CA VAL A 121 27.00 7.32 -0.35
C VAL A 121 25.54 7.02 -0.62
N CYS A 122 24.89 6.29 0.28
CA CYS A 122 23.48 5.94 0.12
C CYS A 122 22.86 5.67 1.48
N ILE A 123 21.60 6.05 1.63
CA ILE A 123 20.85 5.73 2.84
C ILE A 123 19.51 5.15 2.42
N TYR A 124 19.05 4.11 3.09
CA TYR A 124 17.73 3.53 2.76
C TYR A 124 17.05 2.85 3.94
N ALA A 125 15.71 2.83 3.91
CA ALA A 125 14.95 2.37 5.07
C ALA A 125 14.60 0.88 5.05
N THR A 126 14.61 0.28 6.23
CA THR A 126 14.08 -1.07 6.41
C THR A 126 13.34 -1.09 7.72
N ARG A 127 12.64 -2.18 7.98
CA ARG A 127 11.87 -2.36 9.20
C ARG A 127 12.76 -2.14 10.43
N GLU A 128 14.02 -2.55 10.35
CA GLU A 128 14.91 -2.51 11.51
C GLU A 128 15.66 -1.19 11.66
N GLY A 129 15.52 -0.29 10.70
CA GLY A 129 16.22 0.98 10.76
C GLY A 129 16.75 1.38 9.41
N ASP A 130 17.64 2.36 9.40
CA ASP A 130 18.12 2.91 8.15
C ASP A 130 19.59 2.57 7.90
N TYR A 131 19.88 1.98 6.76
CA TYR A 131 21.26 1.61 6.47
C TYR A 131 21.93 2.76 5.75
N VAL A 132 23.16 3.04 6.18
CA VAL A 132 24.02 4.04 5.58
C VAL A 132 25.15 3.28 4.90
N LEU A 133 25.31 3.50 3.61
CA LEU A 133 26.34 2.82 2.81
C LEU A 133 27.38 3.83 2.34
N PHE A 134 28.65 3.45 2.46
CA PHE A 134 29.72 4.24 1.86
C PHE A 134 30.62 3.33 1.04
N HIS A 135 31.10 3.87 -0.07
CA HIS A 135 32.21 3.24 -0.78
C HIS A 135 33.15 4.33 -1.31
N HIS A 136 34.45 4.08 -1.18
CA HIS A 136 35.51 5.01 -1.57
C HIS A 136 35.76 5.07 -3.08
N GLU A 137 35.07 4.25 -3.86
CA GLU A 137 35.20 4.34 -5.32
C GLU A 137 33.87 4.58 -6.01
N GLY A 138 33.47 5.84 -6.08
CA GLY A 138 32.18 6.18 -6.63
C GLY A 138 32.17 6.22 -8.15
N GLY A 139 31.02 6.52 -8.72
CA GLY A 139 30.96 6.79 -10.15
C GLY A 139 30.17 5.77 -10.94
N VAL A 140 30.23 5.91 -12.26
CA VAL A 140 29.46 5.05 -13.15
C VAL A 140 29.92 3.60 -13.07
N ASP A 141 31.11 3.36 -12.51
CA ASP A 141 31.64 2.00 -12.43
C ASP A 141 31.60 1.40 -11.04
N VAL A 142 30.78 1.96 -10.17
CA VAL A 142 30.72 1.52 -8.78
C VAL A 142 30.40 0.03 -8.65
N GLY A 143 29.57 -0.48 -9.57
CA GLY A 143 29.22 -1.88 -9.58
C GLY A 143 28.23 -2.31 -8.51
N ASP A 144 28.41 -3.53 -8.01
CA ASP A 144 27.50 -4.16 -7.06
C ASP A 144 27.72 -3.61 -5.66
N VAL A 145 27.30 -2.37 -5.47
CA VAL A 145 27.60 -1.63 -4.25
C VAL A 145 26.99 -2.24 -2.99
N ASP A 146 25.85 -2.90 -3.11
CA ASP A 146 25.29 -3.67 -2.00
C ASP A 146 26.27 -4.71 -1.47
N ALA A 147 27.18 -5.16 -2.31
CA ALA A 147 28.11 -6.18 -1.90
C ALA A 147 29.44 -5.59 -1.44
N LYS A 148 29.77 -4.41 -1.96
CA LYS A 148 31.11 -3.86 -1.74
C LYS A 148 31.20 -2.77 -0.67
N ALA A 149 30.09 -2.07 -0.42
CA ALA A 149 30.13 -0.89 0.43
C ALA A 149 30.19 -1.22 1.91
N GLN A 150 30.89 -0.39 2.70
CA GLN A 150 30.72 -0.44 4.14
C GLN A 150 29.27 -0.07 4.45
N LYS A 151 28.72 -0.71 5.46
CA LYS A 151 27.33 -0.49 5.84
C LYS A 151 27.23 -0.35 7.34
N LEU A 152 26.28 0.47 7.73
CA LEU A 152 26.01 0.73 9.12
C LEU A 152 24.49 0.80 9.22
N LEU A 153 23.93 0.25 10.29
CA LEU A 153 22.50 0.34 10.52
C LEU A 153 22.23 1.30 11.66
N VAL A 154 21.53 2.39 11.38
CA VAL A 154 21.06 3.24 12.46
C VAL A 154 19.72 2.68 12.86
N GLY A 155 19.64 2.08 14.04
CA GLY A 155 18.44 1.39 14.46
C GLY A 155 17.27 2.33 14.70
N VAL A 156 16.09 1.74 14.84
CA VAL A 156 14.90 2.50 15.07
C VAL A 156 15.10 3.37 16.31
N ASP A 157 15.01 4.67 16.13
CA ASP A 157 15.08 5.62 17.23
C ASP A 157 16.48 5.70 17.86
N GLU A 158 17.50 5.39 17.07
CA GLU A 158 18.88 5.49 17.53
C GLU A 158 19.54 6.64 16.79
N LYS A 159 20.76 6.98 17.21
CA LYS A 159 21.52 8.03 16.53
C LYS A 159 22.70 7.48 15.73
N LEU A 160 23.08 8.19 14.67
CA LEU A 160 24.28 7.87 13.91
C LEU A 160 25.49 8.47 14.63
N ASN A 161 26.36 7.60 15.15
CA ASN A 161 27.52 8.06 15.90
C ASN A 161 28.66 8.37 14.94
N PRO A 162 29.16 9.61 14.98
CA PRO A 162 30.25 10.05 14.08
C PRO A 162 31.48 9.16 14.19
N GLU A 163 31.73 8.63 15.38
CA GLU A 163 32.88 7.74 15.56
C GLU A 163 32.77 6.47 14.71
N ASP A 164 31.56 5.92 14.59
CA ASP A 164 31.29 4.78 13.72
C ASP A 164 31.44 5.14 12.25
N ILE A 165 31.05 6.35 11.89
CA ILE A 165 31.26 6.82 10.52
C ILE A 165 32.74 6.81 10.19
N LYS A 166 33.54 7.34 11.11
CA LYS A 166 34.97 7.41 10.88
C LYS A 166 35.65 6.05 10.97
N LYS A 167 35.34 5.27 12.00
CA LYS A 167 36.08 4.05 12.28
C LYS A 167 35.53 2.81 11.60
N HIS A 168 34.34 2.90 11.00
CA HIS A 168 33.77 1.76 10.27
C HIS A 168 33.39 2.13 8.84
N LEU A 169 32.52 3.11 8.67
CA LEU A 169 32.09 3.49 7.34
C LEU A 169 33.25 3.93 6.45
N LEU A 170 34.14 4.76 6.98
CA LEU A 170 35.14 5.41 6.16
C LEU A 170 36.54 4.75 6.19
N VAL A 171 36.64 3.51 6.70
CA VAL A 171 37.95 2.87 6.87
C VAL A 171 38.83 2.83 5.62
N HIS A 172 38.22 2.81 4.42
CA HIS A 172 39.01 2.78 3.17
C HIS A 172 39.15 4.12 2.44
N ALA A 173 38.59 5.17 3.00
CA ALA A 173 38.67 6.48 2.38
C ALA A 173 40.05 7.12 2.60
N PRO A 174 40.45 8.05 1.73
CA PRO A 174 41.71 8.77 1.95
C PRO A 174 41.68 9.46 3.30
N GLU A 175 42.74 9.30 4.10
CA GLU A 175 42.80 9.88 5.43
C GLU A 175 42.48 11.39 5.46
N ASP A 176 42.89 12.12 4.42
CA ASP A 176 42.69 13.58 4.43
C ASP A 176 41.30 14.01 3.98
N LYS A 177 40.45 13.04 3.64
CA LYS A 177 39.08 13.36 3.30
C LYS A 177 38.11 12.93 4.40
N LYS A 178 38.63 12.25 5.42
CA LYS A 178 37.76 11.62 6.41
C LYS A 178 36.89 12.60 7.17
N GLU A 179 37.50 13.64 7.71
CA GLU A 179 36.77 14.64 8.47
C GLU A 179 35.65 15.31 7.66
N ILE A 180 35.95 15.68 6.43
CA ILE A 180 34.95 16.33 5.61
C ILE A 180 33.86 15.33 5.19
N LEU A 181 34.25 14.08 4.91
CA LEU A 181 33.27 13.05 4.58
C LEU A 181 32.32 12.75 5.73
N ALA A 182 32.86 12.66 6.95
CA ALA A 182 32.05 12.34 8.12
C ALA A 182 31.11 13.50 8.50
N SER A 183 31.57 14.74 8.41
CA SER A 183 30.69 15.86 8.64
C SER A 183 29.55 15.83 7.62
N PHE A 184 29.90 15.61 6.36
CA PHE A 184 28.88 15.59 5.35
C PHE A 184 27.86 14.48 5.62
N ILE A 185 28.37 13.28 5.88
CA ILE A 185 27.50 12.12 6.07
C ILE A 185 26.56 12.30 7.24
N SER A 186 27.07 12.83 8.35
CA SER A 186 26.24 13.12 9.52
C SER A 186 25.15 14.11 9.15
N GLY A 187 25.54 15.13 8.40
CA GLY A 187 24.58 16.11 7.94
C GLY A 187 23.57 15.42 7.04
N LEU A 188 24.06 14.56 6.16
CA LEU A 188 23.16 13.93 5.21
C LEU A 188 22.13 13.10 5.94
N PHE A 189 22.53 12.41 7.02
CA PHE A 189 21.57 11.55 7.72
C PHE A 189 20.51 12.31 8.53
N ASN A 190 20.91 13.39 9.18
CA ASN A 190 19.95 14.25 9.86
C ASN A 190 18.92 14.78 8.86
N PHE A 191 19.41 15.20 7.70
CA PHE A 191 18.57 15.68 6.62
C PHE A 191 17.61 14.59 6.16
N TYR A 192 18.15 13.41 5.86
CA TYR A 192 17.38 12.24 5.49
C TYR A 192 16.21 11.99 6.46
N GLU A 193 16.51 11.94 7.76
CA GLU A 193 15.47 11.66 8.77
C GLU A 193 14.48 12.82 8.97
N ASP A 194 14.99 14.04 8.97
CA ASP A 194 14.16 15.20 9.24
C ASP A 194 13.11 15.41 8.17
N LEU A 195 13.47 15.13 6.91
CA LEU A 195 12.56 15.36 5.80
C LEU A 195 11.82 14.13 5.31
N TYR A 196 11.90 13.05 6.07
CA TYR A 196 11.13 11.82 5.81
C TYR A 196 11.45 11.12 4.48
N PHE A 197 12.74 11.11 4.12
CA PHE A 197 13.25 10.23 3.07
C PHE A 197 13.22 8.75 3.47
N THR A 198 13.14 7.87 2.47
CA THR A 198 13.17 6.43 2.69
C THR A 198 14.30 5.88 1.86
N TYR A 199 14.78 6.72 0.94
CA TYR A 199 15.86 6.34 0.06
C TYR A 199 16.61 7.57 -0.44
N LEU A 200 17.93 7.54 -0.42
CA LEU A 200 18.70 8.71 -0.82
C LEU A 200 20.10 8.30 -1.27
N GLU A 201 20.36 8.45 -2.56
CA GLU A 201 21.63 8.04 -3.13
C GLU A 201 22.36 9.20 -3.79
N ILE A 202 23.62 9.38 -3.44
CA ILE A 202 24.46 10.32 -4.13
C ILE A 202 25.65 9.59 -4.74
N ASN A 203 25.66 9.50 -6.06
CA ASN A 203 26.76 8.81 -6.72
C ASN A 203 27.00 9.44 -8.09
N PRO A 204 28.11 10.16 -8.25
CA PRO A 204 29.17 10.33 -7.28
C PRO A 204 29.03 11.55 -6.38
N LEU A 205 29.42 11.37 -5.13
CA LEU A 205 29.67 12.47 -4.21
C LEU A 205 31.11 12.85 -4.46
N VAL A 206 31.36 14.07 -4.94
CA VAL A 206 32.73 14.46 -5.25
C VAL A 206 33.32 15.33 -4.16
N VAL A 207 34.56 15.04 -3.79
CA VAL A 207 35.26 15.89 -2.83
C VAL A 207 36.61 16.32 -3.38
N THR A 208 36.74 17.61 -3.71
CA THR A 208 38.01 18.17 -4.16
C THR A 208 38.61 19.05 -3.06
N LYS A 209 39.64 19.83 -3.41
CA LYS A 209 40.27 20.71 -2.43
C LYS A 209 39.37 21.90 -2.09
N ASP A 210 38.33 22.10 -2.89
CA ASP A 210 37.40 23.22 -2.68
C ASP A 210 36.14 22.82 -1.92
N GLY A 211 35.99 21.52 -1.67
CA GLY A 211 34.88 21.04 -0.86
C GLY A 211 34.05 19.95 -1.51
N VAL A 212 32.81 19.82 -1.04
CA VAL A 212 31.87 18.78 -1.46
C VAL A 212 30.97 19.21 -2.62
N TYR A 213 30.89 18.37 -3.66
CA TYR A 213 29.95 18.57 -4.76
C TYR A 213 29.03 17.37 -4.85
N VAL A 214 27.73 17.66 -4.92
CA VAL A 214 26.70 16.65 -5.14
C VAL A 214 26.36 16.56 -6.62
N LEU A 215 27.03 15.65 -7.34
CA LEU A 215 26.90 15.60 -8.79
C LEU A 215 25.64 14.92 -9.29
N ASP A 216 25.12 13.99 -8.49
CA ASP A 216 23.94 13.22 -8.86
C ASP A 216 23.15 12.90 -7.59
N LEU A 217 21.85 12.67 -7.73
CA LEU A 217 21.03 12.37 -6.55
C LEU A 217 19.74 11.69 -6.96
N ALA A 218 19.48 10.52 -6.37
CA ALA A 218 18.23 9.83 -6.56
C ALA A 218 17.66 9.62 -5.17
N ALA A 219 16.34 9.76 -5.03
CA ALA A 219 15.73 9.70 -3.72
C ALA A 219 14.25 9.34 -3.77
N LYS A 220 13.73 8.86 -2.65
CA LYS A 220 12.29 8.74 -2.45
C LYS A 220 11.98 9.33 -1.10
N VAL A 221 10.80 9.92 -0.96
CA VAL A 221 10.29 10.39 0.31
C VAL A 221 9.03 9.63 0.69
N ASP A 222 8.75 9.52 1.98
CA ASP A 222 7.52 8.88 2.42
C ASP A 222 6.39 9.88 2.20
N ALA A 223 5.63 9.70 1.13
CA ALA A 223 4.61 10.71 0.78
C ALA A 223 3.47 10.85 1.79
N THR A 224 3.24 9.85 2.64
CA THR A 224 2.21 10.01 3.67
C THR A 224 2.59 11.09 4.70
N ALA A 225 3.85 11.51 4.73
CA ALA A 225 4.28 12.44 5.76
C ALA A 225 4.02 13.92 5.39
N ASP A 226 3.20 14.14 4.36
CA ASP A 226 2.95 15.51 3.87
C ASP A 226 2.31 16.40 4.91
N TYR A 227 1.49 15.81 5.78
CA TYR A 227 0.83 16.61 6.82
C TYR A 227 1.83 17.12 7.87
N ILE A 228 3.00 16.48 7.94
CA ILE A 228 4.10 16.93 8.78
C ILE A 228 5.07 17.79 8.00
N CYS A 229 5.29 17.46 6.73
CA CYS A 229 6.44 18.00 6.01
C CYS A 229 6.12 19.06 4.96
N LYS A 230 4.84 19.28 4.70
CA LYS A 230 4.40 20.28 3.75
C LYS A 230 5.16 21.61 4.00
N VAL A 231 5.39 21.92 5.27
CA VAL A 231 6.14 23.12 5.64
C VAL A 231 7.54 23.18 5.03
N LYS A 232 8.22 22.03 4.90
CA LYS A 232 9.51 21.99 4.21
C LYS A 232 9.41 21.58 2.72
N TRP A 233 8.54 20.63 2.42
CA TRP A 233 8.41 20.14 1.05
C TRP A 233 7.84 21.17 0.07
N GLY A 234 6.82 21.92 0.50
CA GLY A 234 6.08 22.74 -0.44
C GLY A 234 5.27 21.89 -1.40
N ASP A 235 5.07 22.39 -2.62
CA ASP A 235 4.33 21.65 -3.64
C ASP A 235 5.25 20.69 -4.34
N ILE A 236 5.64 19.64 -3.63
CA ILE A 236 6.61 18.70 -4.16
C ILE A 236 5.93 17.82 -5.20
N GLU A 237 6.58 17.62 -6.33
CA GLU A 237 6.02 16.77 -7.37
C GLU A 237 6.61 15.36 -7.29
N PHE A 238 5.80 14.37 -7.67
CA PHE A 238 6.22 12.99 -7.71
C PHE A 238 6.12 12.46 -9.15
N PRO A 239 7.26 12.46 -9.87
CA PRO A 239 7.26 12.07 -11.28
C PRO A 239 6.83 10.62 -11.45
N PRO A 240 6.20 10.30 -12.59
CA PRO A 240 5.95 8.91 -12.96
C PRO A 240 7.23 8.29 -13.48
N PRO A 241 7.28 6.97 -13.60
CA PRO A 241 8.46 6.32 -14.16
C PRO A 241 8.69 6.83 -15.58
N PHE A 242 9.92 6.77 -16.07
CA PHE A 242 10.20 7.11 -17.45
C PHE A 242 9.38 6.14 -18.27
N GLY A 243 8.67 6.65 -19.27
CA GLY A 243 7.77 5.86 -20.08
C GLY A 243 6.80 6.75 -20.81
N ARG A 244 5.60 6.26 -21.06
CA ARG A 244 4.64 7.06 -21.80
C ARG A 244 4.10 8.16 -20.89
N GLU A 245 3.60 9.22 -21.49
CA GLU A 245 2.94 10.27 -20.73
C GLU A 245 1.51 9.86 -20.47
N ALA A 246 0.92 10.44 -19.43
CA ALA A 246 -0.44 10.10 -19.03
C ALA A 246 -1.44 10.46 -20.11
N TYR A 247 -2.54 9.71 -20.18
CA TYR A 247 -3.69 10.10 -20.98
C TYR A 247 -4.46 11.10 -20.14
N PRO A 248 -5.21 12.02 -20.79
CA PRO A 248 -5.96 13.05 -20.06
C PRO A 248 -6.93 12.43 -19.04
N GLU A 249 -7.50 11.27 -19.36
CA GLU A 249 -8.41 10.60 -18.44
C GLU A 249 -7.70 10.13 -17.17
N GLU A 250 -6.45 9.70 -17.29
CA GLU A 250 -5.70 9.29 -16.12
C GLU A 250 -5.46 10.51 -15.24
N ALA A 251 -5.08 11.61 -15.89
CA ALA A 251 -4.92 12.88 -15.19
C ALA A 251 -6.23 13.28 -14.51
N TYR A 252 -7.34 13.17 -15.24
CA TYR A 252 -8.62 13.55 -14.64
C TYR A 252 -8.90 12.77 -13.37
N ILE A 253 -8.69 11.47 -13.41
CA ILE A 253 -8.95 10.62 -12.26
C ILE A 253 -7.98 10.88 -11.11
N ALA A 254 -6.73 11.17 -11.45
CA ALA A 254 -5.72 11.46 -10.43
C ALA A 254 -6.15 12.71 -9.66
N ASP A 255 -6.58 13.72 -10.41
CA ASP A 255 -7.07 14.95 -9.81
C ASP A 255 -8.31 14.66 -8.95
N LEU A 256 -9.14 13.73 -9.43
CA LEU A 256 -10.28 13.26 -8.67
C LEU A 256 -9.85 12.57 -7.37
N ASP A 257 -8.81 11.74 -7.46
CA ASP A 257 -8.26 11.00 -6.32
C ASP A 257 -7.74 11.94 -5.24
N ALA A 258 -7.12 13.03 -5.69
CA ALA A 258 -6.47 13.97 -4.79
C ALA A 258 -7.46 14.71 -3.89
N LYS A 259 -8.67 14.91 -4.37
CA LYS A 259 -9.68 15.66 -3.64
C LYS A 259 -10.65 14.77 -2.85
N SER A 260 -10.14 13.74 -2.19
CA SER A 260 -10.99 12.84 -1.40
C SER A 260 -10.24 11.73 -0.68
N GLY A 261 -10.82 11.23 0.41
CA GLY A 261 -10.23 10.15 1.15
C GLY A 261 -10.38 8.84 0.41
N ALA A 262 -11.44 8.76 -0.39
CA ALA A 262 -11.65 7.61 -1.25
C ALA A 262 -10.45 7.44 -2.17
N SER A 263 -9.98 6.20 -2.29
CA SER A 263 -8.91 5.88 -3.23
C SER A 263 -9.54 5.62 -4.61
N LEU A 264 -9.19 6.45 -5.58
CA LEU A 264 -9.71 6.32 -6.94
C LEU A 264 -8.54 6.26 -7.89
N LYS A 265 -8.35 5.11 -8.53
CA LYS A 265 -7.17 4.85 -9.34
C LYS A 265 -7.57 4.35 -10.73
N LEU A 266 -6.91 4.86 -11.76
CA LEU A 266 -7.12 4.34 -13.10
C LEU A 266 -5.81 4.35 -13.87
N THR A 267 -5.52 3.24 -14.53
CA THR A 267 -4.39 3.14 -15.44
C THR A 267 -4.87 2.42 -16.70
N LEU A 268 -4.62 3.00 -17.86
CA LEU A 268 -4.90 2.34 -19.12
C LEU A 268 -3.73 1.45 -19.54
N LEU A 269 -4.01 0.17 -19.72
CA LEU A 269 -3.03 -0.76 -20.30
C LEU A 269 -3.19 -0.78 -21.81
N ASN A 270 -4.38 -1.16 -22.26
CA ASN A 270 -4.66 -1.22 -23.68
C ASN A 270 -6.00 -0.56 -23.96
N PRO A 271 -5.97 0.72 -24.34
CA PRO A 271 -7.17 1.53 -24.62
C PRO A 271 -8.10 0.88 -25.65
N LYS A 272 -7.55 -0.01 -26.48
CA LYS A 272 -8.41 -0.70 -27.45
C LYS A 272 -8.91 -2.07 -26.97
N GLY A 273 -8.56 -2.45 -25.74
CA GLY A 273 -8.97 -3.73 -25.20
C GLY A 273 -10.47 -3.87 -25.04
N ARG A 274 -10.98 -5.09 -25.03
CA ARG A 274 -12.43 -5.27 -24.93
C ARG A 274 -12.87 -5.57 -23.51
N ILE A 275 -11.91 -5.77 -22.62
CA ILE A 275 -12.25 -6.07 -21.24
C ILE A 275 -11.94 -4.91 -20.31
N TRP A 276 -13.00 -4.29 -19.79
CA TRP A 276 -12.86 -3.16 -18.88
C TRP A 276 -13.34 -3.58 -17.52
N THR A 277 -12.68 -3.06 -16.49
CA THR A 277 -13.04 -3.38 -15.12
C THR A 277 -13.29 -2.13 -14.28
N MET A 278 -14.19 -2.27 -13.32
CA MET A 278 -14.45 -1.21 -12.37
C MET A 278 -14.72 -1.84 -11.02
N VAL A 279 -13.63 -1.98 -10.25
CA VAL A 279 -13.63 -2.83 -9.07
C VAL A 279 -13.54 -2.07 -7.76
N ALA A 280 -14.35 -2.50 -6.80
CA ALA A 280 -14.30 -1.96 -5.45
C ALA A 280 -13.41 -2.82 -4.59
N GLY A 281 -12.40 -2.19 -3.98
CA GLY A 281 -11.48 -2.91 -3.12
C GLY A 281 -10.14 -3.07 -3.81
N GLY A 282 -9.06 -2.81 -3.08
CA GLY A 282 -7.72 -2.90 -3.64
C GLY A 282 -7.33 -4.32 -3.94
N GLY A 283 -7.48 -5.19 -2.94
CA GLY A 283 -7.31 -6.62 -3.12
C GLY A 283 -8.12 -7.15 -4.30
N ALA A 284 -9.43 -6.93 -4.25
CA ALA A 284 -10.31 -7.41 -5.31
C ALA A 284 -9.83 -6.93 -6.67
N SER A 285 -9.37 -5.68 -6.73
CA SER A 285 -8.88 -5.10 -7.98
C SER A 285 -7.77 -5.96 -8.56
N VAL A 286 -6.82 -6.36 -7.72
CA VAL A 286 -5.72 -7.20 -8.16
C VAL A 286 -6.20 -8.59 -8.58
N VAL A 287 -7.13 -9.14 -7.81
CA VAL A 287 -7.62 -10.47 -8.07
C VAL A 287 -8.35 -10.54 -9.41
N TYR A 288 -9.17 -9.54 -9.74
CA TYR A 288 -9.88 -9.54 -11.01
C TYR A 288 -8.94 -9.46 -12.21
N SER A 289 -7.87 -8.70 -12.06
CA SER A 289 -6.87 -8.59 -13.10
C SER A 289 -6.15 -9.92 -13.26
N ASP A 290 -5.75 -10.51 -12.12
CA ASP A 290 -5.08 -11.79 -12.16
C ASP A 290 -5.95 -12.79 -12.93
N THR A 291 -7.24 -12.76 -12.63
CA THR A 291 -8.17 -13.72 -13.19
C THR A 291 -8.30 -13.54 -14.69
N ILE A 292 -8.40 -12.28 -15.12
CA ILE A 292 -8.51 -11.98 -16.53
C ILE A 292 -7.28 -12.45 -17.31
N CYS A 293 -6.09 -12.24 -16.74
CA CYS A 293 -4.86 -12.69 -17.37
C CYS A 293 -4.77 -14.22 -17.39
N ASP A 294 -5.19 -14.84 -16.29
CA ASP A 294 -5.09 -16.28 -16.14
C ASP A 294 -5.97 -17.01 -17.15
N LEU A 295 -7.10 -16.40 -17.51
CA LEU A 295 -8.03 -17.01 -18.45
C LEU A 295 -7.70 -16.66 -19.90
N GLY A 296 -6.53 -16.06 -20.13
CA GLY A 296 -6.07 -15.74 -21.46
C GLY A 296 -6.34 -14.33 -21.98
N GLY A 297 -6.84 -13.44 -21.12
CA GLY A 297 -7.24 -12.13 -21.58
C GLY A 297 -6.24 -10.99 -21.46
N VAL A 298 -4.96 -11.28 -21.22
CA VAL A 298 -4.01 -10.22 -20.91
C VAL A 298 -3.95 -9.11 -21.96
N ASN A 299 -4.10 -9.50 -23.23
CA ASN A 299 -4.03 -8.55 -24.35
C ASN A 299 -5.30 -7.74 -24.55
N GLU A 300 -6.40 -8.20 -23.96
CA GLU A 300 -7.66 -7.48 -24.09
C GLU A 300 -7.97 -6.70 -22.81
N LEU A 301 -7.11 -6.84 -21.80
CA LEU A 301 -7.29 -6.10 -20.57
C LEU A 301 -7.04 -4.61 -20.84
N ALA A 302 -8.09 -3.80 -20.74
CA ALA A 302 -8.01 -2.39 -21.11
C ALA A 302 -7.34 -1.56 -20.01
N ASN A 303 -7.70 -1.83 -18.76
CA ASN A 303 -7.33 -0.95 -17.65
C ASN A 303 -7.17 -1.72 -16.36
N TYR A 304 -6.49 -1.13 -15.40
CA TYR A 304 -6.61 -1.61 -14.02
C TYR A 304 -6.70 -0.40 -13.12
N GLY A 305 -7.22 -0.61 -11.94
CA GLY A 305 -7.49 0.47 -11.01
C GLY A 305 -8.54 0.02 -10.01
N GLU A 306 -9.17 0.99 -9.35
CA GLU A 306 -10.09 0.69 -8.26
C GLU A 306 -10.87 1.91 -7.83
N TYR A 307 -11.91 1.68 -7.05
CA TYR A 307 -12.58 2.75 -6.37
C TYR A 307 -12.93 2.21 -4.99
N SER A 308 -12.20 2.68 -3.99
CA SER A 308 -12.25 2.08 -2.67
C SER A 308 -12.32 3.14 -1.58
N GLY A 309 -12.50 2.68 -0.35
CA GLY A 309 -12.52 3.56 0.80
C GLY A 309 -13.77 4.41 0.81
N ALA A 310 -14.89 3.80 0.43
CA ALA A 310 -16.20 4.44 0.55
C ALA A 310 -16.32 5.80 -0.14
N PRO A 311 -16.23 5.82 -1.47
CA PRO A 311 -16.49 7.05 -2.24
C PRO A 311 -17.98 7.41 -2.21
N SER A 312 -18.31 8.63 -2.62
CA SER A 312 -19.70 9.06 -2.64
C SER A 312 -20.35 8.71 -3.95
N GLU A 313 -21.67 8.87 -4.03
CA GLU A 313 -22.37 8.68 -5.29
C GLU A 313 -21.75 9.52 -6.40
N GLN A 314 -21.56 10.81 -6.15
CA GLN A 314 -21.02 11.74 -7.16
C GLN A 314 -19.63 11.33 -7.63
N GLN A 315 -18.79 10.91 -6.70
CA GLN A 315 -17.46 10.44 -7.05
C GLN A 315 -17.51 9.18 -7.93
N THR A 316 -18.36 8.24 -7.57
CA THR A 316 -18.46 7.00 -8.35
C THR A 316 -19.01 7.30 -9.73
N TYR A 317 -19.95 8.25 -9.78
CA TYR A 317 -20.49 8.70 -11.05
C TYR A 317 -19.40 9.32 -11.93
N ASP A 318 -18.56 10.17 -11.35
CA ASP A 318 -17.51 10.81 -12.15
C ASP A 318 -16.49 9.78 -12.60
N TYR A 319 -16.23 8.81 -11.73
CA TYR A 319 -15.35 7.71 -12.09
C TYR A 319 -15.98 6.88 -13.23
N ALA A 320 -17.17 6.38 -12.99
CA ALA A 320 -17.86 5.56 -13.98
C ALA A 320 -17.99 6.25 -15.33
N LYS A 321 -18.32 7.54 -15.34
CA LYS A 321 -18.52 8.24 -16.61
C LYS A 321 -17.24 8.28 -17.44
N THR A 322 -16.08 8.25 -16.78
CA THR A 322 -14.79 8.32 -17.48
C THR A 322 -14.52 7.00 -18.19
N ILE A 323 -14.66 5.91 -17.45
CA ILE A 323 -14.54 4.58 -18.02
C ILE A 323 -15.52 4.34 -19.15
N LEU A 324 -16.79 4.65 -18.94
CA LEU A 324 -17.79 4.50 -19.99
C LEU A 324 -17.38 5.28 -21.26
N SER A 325 -16.80 6.46 -21.09
CA SER A 325 -16.36 7.24 -22.23
C SER A 325 -15.17 6.56 -22.92
N LEU A 326 -14.23 6.07 -22.13
CA LEU A 326 -13.04 5.42 -22.68
C LEU A 326 -13.38 4.17 -23.48
N MET A 327 -14.38 3.42 -23.05
CA MET A 327 -14.73 2.20 -23.79
C MET A 327 -15.69 2.42 -24.97
N THR A 328 -15.95 3.68 -25.32
CA THR A 328 -16.81 3.93 -26.48
C THR A 328 -16.15 4.82 -27.52
N ARG A 329 -14.83 4.80 -27.56
CA ARG A 329 -14.08 5.60 -28.53
C ARG A 329 -13.99 4.90 -29.86
N GLU A 330 -13.94 3.56 -29.83
CA GLU A 330 -14.03 2.76 -31.05
C GLU A 330 -14.65 1.40 -30.76
N LYS A 331 -15.39 0.86 -31.73
CA LYS A 331 -16.00 -0.45 -31.57
C LYS A 331 -15.00 -1.61 -31.60
N HIS A 332 -15.34 -2.68 -30.90
CA HIS A 332 -14.60 -3.92 -31.00
C HIS A 332 -15.52 -4.87 -31.76
N PRO A 333 -14.95 -5.61 -32.74
CA PRO A 333 -15.75 -6.53 -33.54
C PRO A 333 -16.44 -7.59 -32.68
N ASP A 334 -15.96 -7.79 -31.45
CA ASP A 334 -16.53 -8.81 -30.58
C ASP A 334 -17.35 -8.25 -29.44
N GLY A 335 -17.66 -6.95 -29.48
CA GLY A 335 -18.34 -6.32 -28.37
C GLY A 335 -17.38 -6.14 -27.20
N LYS A 336 -17.87 -5.58 -26.09
CA LYS A 336 -17.00 -5.34 -24.95
C LYS A 336 -17.63 -5.79 -23.64
N ILE A 337 -16.76 -6.05 -22.66
CA ILE A 337 -17.20 -6.50 -21.35
C ILE A 337 -16.82 -5.45 -20.33
N LEU A 338 -17.69 -5.24 -19.37
CA LEU A 338 -17.37 -4.37 -18.24
C LEU A 338 -17.60 -5.19 -17.00
N ILE A 339 -16.57 -5.30 -16.18
CA ILE A 339 -16.65 -6.07 -14.95
C ILE A 339 -16.81 -5.11 -13.80
N ILE A 340 -18.01 -5.09 -13.22
CA ILE A 340 -18.27 -4.28 -12.05
C ILE A 340 -18.31 -5.21 -10.85
N GLY A 341 -17.12 -5.52 -10.32
CA GLY A 341 -17.01 -6.43 -9.21
C GLY A 341 -16.39 -5.82 -7.97
N GLY A 342 -16.21 -6.65 -6.96
CA GLY A 342 -15.54 -6.29 -5.74
C GLY A 342 -15.81 -7.37 -4.72
N SER A 343 -15.13 -7.25 -3.58
CA SER A 343 -15.31 -8.15 -2.46
C SER A 343 -16.54 -7.69 -1.70
N ILE A 344 -16.68 -8.16 -0.47
CA ILE A 344 -17.78 -7.74 0.38
C ILE A 344 -17.34 -6.61 1.31
N ALA A 345 -17.81 -5.40 1.04
CA ALA A 345 -17.42 -4.23 1.80
C ALA A 345 -17.71 -4.38 3.29
N ASN A 346 -16.88 -3.76 4.13
CA ASN A 346 -17.12 -3.71 5.56
C ASN A 346 -17.98 -2.50 5.94
N PHE A 347 -17.79 -1.39 5.24
CA PHE A 347 -18.51 -0.15 5.58
C PHE A 347 -18.99 0.71 4.39
N THR A 348 -18.41 0.52 3.19
CA THR A 348 -18.86 1.27 2.03
C THR A 348 -20.36 1.08 1.83
N ASN A 349 -21.03 2.13 1.38
CA ASN A 349 -22.46 2.05 1.04
C ASN A 349 -22.67 1.66 -0.43
N VAL A 350 -22.90 0.37 -0.65
CA VAL A 350 -23.04 -0.17 -1.97
C VAL A 350 -24.22 0.43 -2.72
N ALA A 351 -25.30 0.71 -2.01
CA ALA A 351 -26.44 1.39 -2.62
C ALA A 351 -26.05 2.75 -3.22
N ALA A 352 -25.35 3.57 -2.42
CA ALA A 352 -24.92 4.89 -2.88
C ALA A 352 -23.98 4.79 -4.06
N THR A 353 -22.98 3.90 -3.96
CA THR A 353 -22.02 3.79 -5.04
C THR A 353 -22.68 3.30 -6.32
N PHE A 354 -23.48 2.24 -6.23
CA PHE A 354 -24.16 1.73 -7.42
C PHE A 354 -25.11 2.75 -8.08
N LYS A 355 -25.73 3.60 -7.27
CA LYS A 355 -26.61 4.64 -7.84
C LYS A 355 -25.79 5.54 -8.76
N GLY A 356 -24.55 5.81 -8.38
CA GLY A 356 -23.66 6.63 -9.19
C GLY A 356 -23.34 5.97 -10.53
N ILE A 357 -23.04 4.68 -10.48
CA ILE A 357 -22.73 3.95 -11.70
C ILE A 357 -23.96 3.92 -12.58
N VAL A 358 -25.10 3.63 -11.98
CA VAL A 358 -26.36 3.59 -12.71
C VAL A 358 -26.66 4.92 -13.42
N ARG A 359 -26.41 6.05 -12.77
CA ARG A 359 -26.58 7.33 -13.47
C ARG A 359 -25.72 7.37 -14.71
N ALA A 360 -24.45 6.97 -14.58
CA ALA A 360 -23.52 7.03 -15.72
C ALA A 360 -23.99 6.14 -16.87
N ILE A 361 -24.47 4.95 -16.55
CA ILE A 361 -24.91 4.02 -17.59
C ILE A 361 -26.07 4.63 -18.38
N ARG A 362 -27.03 5.20 -17.66
CA ARG A 362 -28.11 5.95 -18.29
C ARG A 362 -27.56 7.03 -19.23
N ASP A 363 -26.65 7.87 -18.74
CA ASP A 363 -26.09 8.90 -19.59
C ASP A 363 -25.36 8.37 -20.83
N TYR A 364 -24.77 7.19 -20.74
CA TYR A 364 -24.01 6.65 -21.88
C TYR A 364 -24.69 5.47 -22.59
N GLN A 365 -25.96 5.23 -22.28
CA GLN A 365 -26.67 4.07 -22.83
C GLN A 365 -26.58 3.96 -24.36
N GLY A 366 -26.66 5.09 -25.04
CA GLY A 366 -26.64 5.13 -26.50
C GLY A 366 -25.40 4.47 -27.09
N PRO A 367 -24.23 5.06 -26.83
CA PRO A 367 -22.96 4.47 -27.26
C PRO A 367 -22.76 3.06 -26.70
N LEU A 368 -23.30 2.78 -25.52
CA LEU A 368 -23.11 1.47 -24.89
C LEU A 368 -23.78 0.36 -25.69
N LYS A 369 -25.03 0.59 -26.10
CA LYS A 369 -25.75 -0.36 -26.93
C LYS A 369 -25.09 -0.49 -28.30
N GLU A 370 -24.64 0.63 -28.86
CA GLU A 370 -24.00 0.63 -30.16
C GLU A 370 -22.68 -0.14 -30.11
N HIS A 371 -22.01 -0.08 -28.96
CA HIS A 371 -20.70 -0.71 -28.83
C HIS A 371 -20.81 -2.15 -28.32
N GLU A 372 -22.04 -2.65 -28.21
CA GLU A 372 -22.31 -4.02 -27.79
C GLU A 372 -21.62 -4.36 -26.47
N VAL A 373 -21.75 -3.46 -25.51
CA VAL A 373 -21.21 -3.68 -24.18
C VAL A 373 -22.12 -4.58 -23.38
N THR A 374 -21.54 -5.61 -22.75
CA THR A 374 -22.27 -6.44 -21.82
C THR A 374 -21.69 -6.21 -20.42
N ILE A 375 -22.55 -6.15 -19.42
CA ILE A 375 -22.06 -5.78 -18.10
C ILE A 375 -22.32 -6.87 -17.09
N PHE A 376 -21.29 -7.18 -16.30
CA PHE A 376 -21.39 -8.20 -15.27
C PHE A 376 -21.14 -7.53 -13.93
N VAL A 377 -21.96 -7.86 -12.95
CA VAL A 377 -21.93 -7.18 -11.67
C VAL A 377 -21.88 -8.16 -10.53
N ARG A 378 -20.91 -7.99 -9.65
CA ARG A 378 -20.86 -8.81 -8.44
C ARG A 378 -20.30 -8.01 -7.29
N ARG A 379 -21.08 -7.88 -6.22
CA ARG A 379 -20.72 -6.98 -5.14
C ARG A 379 -21.45 -7.32 -3.87
N GLY A 380 -20.76 -7.18 -2.74
CA GLY A 380 -21.40 -7.34 -1.45
C GLY A 380 -21.11 -6.11 -0.63
N GLY A 381 -21.80 -5.97 0.50
CA GLY A 381 -21.57 -4.86 1.38
C GLY A 381 -22.86 -4.30 1.92
N PRO A 382 -22.75 -3.26 2.75
CA PRO A 382 -23.97 -2.68 3.33
C PRO A 382 -24.90 -2.18 2.24
N ASN A 383 -26.15 -2.66 2.27
CA ASN A 383 -27.17 -2.23 1.31
C ASN A 383 -26.93 -2.74 -0.09
N TYR A 384 -26.13 -3.80 -0.21
CA TYR A 384 -25.79 -4.33 -1.52
C TYR A 384 -27.03 -4.84 -2.27
N GLN A 385 -28.03 -5.32 -1.52
CA GLN A 385 -29.24 -5.84 -2.17
C GLN A 385 -29.93 -4.75 -3.00
N GLU A 386 -30.06 -3.56 -2.45
CA GLU A 386 -30.68 -2.47 -3.20
C GLU A 386 -29.77 -2.06 -4.37
N GLY A 387 -28.47 -2.05 -4.15
CA GLY A 387 -27.53 -1.73 -5.21
C GLY A 387 -27.65 -2.68 -6.40
N LEU A 388 -27.74 -3.98 -6.13
CA LEU A 388 -27.91 -4.96 -7.20
C LEU A 388 -29.24 -4.78 -7.93
N ARG A 389 -30.30 -4.52 -7.17
CA ARG A 389 -31.62 -4.29 -7.74
C ARG A 389 -31.61 -3.12 -8.73
N VAL A 390 -31.04 -1.97 -8.38
CA VAL A 390 -31.06 -0.85 -9.31
C VAL A 390 -30.18 -1.10 -10.53
N MET A 391 -29.12 -1.88 -10.36
CA MET A 391 -28.25 -2.19 -11.48
C MET A 391 -29.01 -3.09 -12.47
N GLY A 392 -29.76 -4.05 -11.95
CA GLY A 392 -30.59 -4.87 -12.80
C GLY A 392 -31.68 -4.06 -13.47
N GLU A 393 -32.21 -3.08 -12.74
CA GLU A 393 -33.26 -2.21 -13.27
C GLU A 393 -32.78 -1.39 -14.47
N VAL A 394 -31.63 -0.75 -14.35
CA VAL A 394 -31.16 0.08 -15.46
C VAL A 394 -30.87 -0.77 -16.69
N GLY A 395 -30.51 -2.03 -16.48
CA GLY A 395 -30.31 -2.94 -17.60
C GLY A 395 -31.62 -3.17 -18.35
N LYS A 396 -32.65 -3.58 -17.60
CA LYS A 396 -33.99 -3.76 -18.16
C LYS A 396 -34.48 -2.49 -18.84
N THR A 397 -34.24 -1.36 -18.19
CA THR A 397 -34.77 -0.09 -18.64
C THR A 397 -34.09 0.46 -19.88
N THR A 398 -32.77 0.32 -19.96
CA THR A 398 -31.99 0.87 -21.07
C THR A 398 -31.83 -0.11 -22.23
N GLY A 399 -32.16 -1.38 -21.99
CA GLY A 399 -31.95 -2.40 -23.00
C GLY A 399 -30.54 -2.95 -23.05
N ILE A 400 -29.67 -2.51 -22.14
CA ILE A 400 -28.30 -3.02 -22.05
C ILE A 400 -28.23 -4.33 -21.24
N PRO A 401 -27.53 -5.35 -21.76
CA PRO A 401 -27.42 -6.62 -21.03
C PRO A 401 -26.57 -6.47 -19.78
N ILE A 402 -27.18 -6.69 -18.62
CA ILE A 402 -26.52 -6.48 -17.34
C ILE A 402 -26.86 -7.63 -16.42
N HIS A 403 -25.90 -8.51 -16.18
CA HIS A 403 -26.12 -9.66 -15.32
C HIS A 403 -25.56 -9.36 -13.93
N VAL A 404 -26.39 -9.51 -12.90
CA VAL A 404 -26.01 -9.13 -11.55
C VAL A 404 -25.94 -10.35 -10.63
N PHE A 405 -25.00 -10.32 -9.69
CA PHE A 405 -24.72 -11.46 -8.81
C PHE A 405 -24.41 -11.02 -7.40
N GLY A 406 -24.83 -11.80 -6.41
CA GLY A 406 -24.55 -11.51 -5.02
C GLY A 406 -23.35 -12.29 -4.51
N THR A 407 -23.32 -12.51 -3.21
CA THR A 407 -22.19 -13.14 -2.55
C THR A 407 -22.20 -14.67 -2.68
N GLU A 408 -23.31 -15.24 -3.13
CA GLU A 408 -23.39 -16.68 -3.39
C GLU A 408 -22.47 -17.01 -4.57
N THR A 409 -22.21 -16.03 -5.41
CA THR A 409 -21.38 -16.23 -6.59
C THR A 409 -19.94 -15.95 -6.23
N HIS A 410 -19.07 -16.93 -6.42
CA HIS A 410 -17.66 -16.72 -6.20
C HIS A 410 -17.22 -15.46 -6.91
N MET A 411 -16.41 -14.66 -6.21
CA MET A 411 -16.09 -13.32 -6.65
C MET A 411 -15.64 -13.29 -8.13
N THR A 412 -14.70 -14.16 -8.48
CA THR A 412 -14.09 -14.14 -9.79
C THR A 412 -14.90 -14.90 -10.84
N ALA A 413 -15.99 -15.53 -10.44
CA ALA A 413 -16.73 -16.40 -11.36
C ALA A 413 -17.22 -15.63 -12.58
N ILE A 414 -17.50 -14.34 -12.40
CA ILE A 414 -18.12 -13.56 -13.47
C ILE A 414 -17.20 -13.34 -14.66
N VAL A 415 -15.90 -13.49 -14.44
CA VAL A 415 -14.97 -13.29 -15.54
C VAL A 415 -15.10 -14.44 -16.54
N GLY A 416 -15.19 -15.65 -16.01
CA GLY A 416 -15.43 -16.84 -16.82
C GLY A 416 -16.75 -16.72 -17.55
N MET A 417 -17.82 -16.38 -16.85
CA MET A 417 -19.10 -16.15 -17.50
C MET A 417 -18.98 -15.15 -18.65
N ALA A 418 -18.30 -14.04 -18.39
CA ALA A 418 -18.20 -12.95 -19.36
C ALA A 418 -17.42 -13.35 -20.60
N LEU A 419 -16.45 -14.23 -20.41
CA LEU A 419 -15.62 -14.71 -21.51
C LEU A 419 -16.20 -15.94 -22.23
N GLY A 420 -17.34 -16.45 -21.75
CA GLY A 420 -17.98 -17.61 -22.36
C GLY A 420 -17.47 -18.96 -21.88
N HIS A 421 -16.57 -18.96 -20.90
CA HIS A 421 -16.00 -20.21 -20.39
C HIS A 421 -17.00 -21.02 -19.56
N ARG A 422 -18.12 -20.41 -19.20
CA ARG A 422 -19.12 -21.10 -18.40
C ARG A 422 -20.46 -20.41 -18.59
N PRO A 423 -21.55 -21.12 -18.29
CA PRO A 423 -22.86 -20.54 -18.60
C PRO A 423 -23.18 -19.43 -17.61
N ILE A 424 -24.12 -18.57 -17.98
CA ILE A 424 -24.64 -17.60 -17.04
C ILE A 424 -25.89 -18.18 -16.39
N PRO A 425 -25.83 -18.45 -15.08
CA PRO A 425 -26.99 -18.96 -14.34
C PRO A 425 -28.18 -17.99 -14.43
N GLY A 487 6.37 -11.30 26.72
CA GLY A 487 6.28 -11.66 25.32
C GLY A 487 4.87 -11.53 24.78
N LYS A 488 4.72 -11.75 23.47
CA LYS A 488 3.43 -11.61 22.80
C LYS A 488 2.62 -12.90 22.90
N SER A 489 1.32 -12.76 23.17
CA SER A 489 0.52 -13.90 23.58
C SER A 489 -0.09 -14.69 22.42
N THR A 490 -0.58 -15.88 22.72
CA THR A 490 -1.15 -16.76 21.71
C THR A 490 -2.61 -16.40 21.46
N THR A 491 -3.33 -16.18 22.55
CA THR A 491 -4.72 -15.79 22.49
C THR A 491 -4.84 -14.28 22.68
N LEU A 492 -5.47 -13.62 21.72
CA LEU A 492 -5.67 -12.19 21.80
C LEU A 492 -7.07 -11.85 22.33
N PHE A 493 -8.07 -12.66 21.96
CA PHE A 493 -9.46 -12.38 22.29
C PHE A 493 -10.20 -13.62 22.81
N SER A 494 -11.24 -13.40 23.60
CA SER A 494 -12.07 -14.47 24.14
C SER A 494 -13.45 -13.94 24.46
N ARG A 495 -14.29 -14.80 25.02
CA ARG A 495 -15.63 -14.39 25.48
C ARG A 495 -15.57 -13.33 26.59
N HIS A 496 -14.40 -13.18 27.21
CA HIS A 496 -14.24 -12.25 28.32
C HIS A 496 -13.68 -10.89 27.89
N THR A 497 -13.18 -10.79 26.66
CA THR A 497 -12.48 -9.60 26.22
C THR A 497 -13.27 -8.31 26.48
N LYS A 498 -12.62 -7.34 27.11
CA LYS A 498 -13.20 -6.01 27.23
C LYS A 498 -12.25 -5.04 26.56
N ALA A 499 -12.79 -4.13 25.77
CA ALA A 499 -11.95 -3.19 25.03
C ALA A 499 -12.29 -1.75 25.36
N ILE A 500 -11.29 -0.90 25.24
CA ILE A 500 -11.50 0.52 25.17
C ILE A 500 -11.36 0.93 23.71
N VAL A 501 -12.24 1.83 23.28
CA VAL A 501 -12.21 2.37 21.94
C VAL A 501 -11.81 3.85 21.96
N TRP A 502 -10.69 4.18 21.30
CA TRP A 502 -10.19 5.56 21.26
C TRP A 502 -10.78 6.23 20.05
N GLY A 503 -11.52 7.31 20.26
CA GLY A 503 -12.17 8.03 19.18
C GLY A 503 -13.69 7.94 19.25
N MET A 504 -14.35 8.87 18.58
CA MET A 504 -15.80 9.00 18.62
C MET A 504 -16.41 8.22 17.48
N GLN A 505 -16.47 6.90 17.62
CA GLN A 505 -16.97 6.04 16.55
C GLN A 505 -18.16 5.23 17.04
N THR A 506 -19.30 5.90 17.15
CA THR A 506 -20.48 5.31 17.77
C THR A 506 -21.15 4.27 16.90
N ARG A 507 -21.09 4.46 15.59
CA ARG A 507 -21.63 3.45 14.70
C ARG A 507 -20.81 2.16 14.81
N ALA A 508 -19.49 2.29 14.89
CA ALA A 508 -18.62 1.12 15.01
C ALA A 508 -18.88 0.37 16.30
N VAL A 509 -18.88 1.09 17.41
CA VAL A 509 -19.17 0.52 18.71
C VAL A 509 -20.52 -0.23 18.74
N GLN A 510 -21.56 0.37 18.19
CA GLN A 510 -22.87 -0.26 18.15
C GLN A 510 -22.77 -1.52 17.30
N GLY A 511 -21.90 -1.46 16.30
CA GLY A 511 -21.63 -2.59 15.44
C GLY A 511 -21.07 -3.75 16.24
N MET A 512 -20.16 -3.45 17.15
CA MET A 512 -19.59 -4.47 18.03
C MET A 512 -20.62 -5.00 19.04
N LEU A 513 -21.47 -4.11 19.59
CA LEU A 513 -22.47 -4.58 20.54
C LEU A 513 -23.50 -5.49 19.88
N ASP A 514 -24.00 -5.09 18.72
CA ASP A 514 -24.94 -5.91 17.96
C ASP A 514 -24.37 -7.30 17.75
N PHE A 515 -23.09 -7.34 17.40
CA PHE A 515 -22.40 -8.61 17.18
C PHE A 515 -22.34 -9.39 18.48
N ASP A 516 -21.84 -8.77 19.55
CA ASP A 516 -21.76 -9.40 20.87
C ASP A 516 -23.10 -10.00 21.24
N TYR A 517 -24.16 -9.25 20.93
CA TYR A 517 -25.50 -9.68 21.28
C TYR A 517 -25.94 -10.94 20.53
N VAL A 518 -25.72 -11.01 19.22
CA VAL A 518 -26.11 -12.20 18.47
C VAL A 518 -25.22 -13.38 18.79
N CYS A 519 -24.04 -13.11 19.34
CA CYS A 519 -23.13 -14.17 19.76
C CYS A 519 -23.55 -14.72 21.11
N SER A 520 -24.58 -14.12 21.70
CA SER A 520 -25.02 -14.47 23.04
C SER A 520 -23.87 -14.30 24.04
N ARG A 521 -23.18 -13.17 23.93
CA ARG A 521 -22.16 -12.80 24.88
C ARG A 521 -22.86 -12.35 26.16
N ASP A 522 -22.27 -12.64 27.31
CA ASP A 522 -22.89 -12.25 28.58
C ASP A 522 -22.81 -10.74 28.79
N GLU A 523 -21.68 -10.16 28.42
CA GLU A 523 -21.49 -8.72 28.57
C GLU A 523 -20.99 -8.11 27.27
N PRO A 524 -21.25 -6.81 27.09
CA PRO A 524 -20.79 -6.08 25.90
C PRO A 524 -19.27 -6.05 25.88
N SER A 525 -18.69 -6.02 24.68
CA SER A 525 -17.25 -6.13 24.54
C SER A 525 -16.53 -4.79 24.70
N VAL A 526 -17.27 -3.70 24.61
CA VAL A 526 -16.71 -2.36 24.78
C VAL A 526 -17.09 -1.82 26.14
N ALA A 527 -16.10 -1.56 26.98
CA ALA A 527 -16.35 -1.15 28.35
C ALA A 527 -16.27 0.37 28.49
N ALA A 528 -15.48 1.00 27.62
CA ALA A 528 -15.29 2.44 27.68
C ALA A 528 -14.67 3.03 26.41
N MET A 529 -14.78 4.34 26.29
CA MET A 529 -14.21 5.08 25.19
C MET A 529 -13.25 6.15 25.72
N VAL A 530 -12.36 6.62 24.85
CA VAL A 530 -11.43 7.70 25.17
C VAL A 530 -11.40 8.68 24.01
N TYR A 531 -11.55 9.95 24.31
CA TYR A 531 -11.61 11.00 23.29
C TYR A 531 -11.25 12.29 23.99
N PRO A 532 -10.02 12.78 23.78
CA PRO A 532 -9.54 13.94 24.53
C PRO A 532 -10.13 15.28 24.07
N PHE A 533 -10.85 15.29 22.95
CA PHE A 533 -11.42 16.51 22.40
C PHE A 533 -12.72 16.95 23.09
N THR A 534 -13.09 16.27 24.17
CA THR A 534 -14.26 16.63 24.95
C THR A 534 -14.06 16.19 26.40
N GLY A 535 -14.97 16.58 27.27
CA GLY A 535 -14.88 16.22 28.67
C GLY A 535 -15.61 14.92 28.92
N ASP A 536 -15.36 14.29 30.07
CA ASP A 536 -16.05 13.07 30.44
C ASP A 536 -17.54 13.20 30.19
N HIS A 537 -18.15 12.11 29.75
CA HIS A 537 -19.59 12.03 29.64
C HIS A 537 -19.93 10.59 29.32
N LYS A 538 -21.20 10.33 29.03
CA LYS A 538 -21.63 8.97 28.76
C LYS A 538 -22.28 8.89 27.39
N GLN A 539 -22.04 7.79 26.70
CA GLN A 539 -22.64 7.59 25.40
C GLN A 539 -23.67 6.48 25.48
N LYS A 540 -24.76 6.67 24.75
CA LYS A 540 -25.88 5.76 24.78
C LYS A 540 -25.80 4.72 23.67
N PHE A 541 -25.94 3.44 24.03
CA PHE A 541 -25.94 2.36 23.04
C PHE A 541 -27.05 1.37 23.35
N TYR A 542 -27.23 0.39 22.48
CA TYR A 542 -28.26 -0.62 22.65
C TYR A 542 -27.73 -2.06 22.69
N TRP A 543 -27.97 -2.70 23.82
CA TRP A 543 -27.65 -4.09 24.05
C TRP A 543 -28.95 -4.85 23.80
N GLY A 544 -29.21 -5.14 22.54
CA GLY A 544 -30.52 -5.66 22.16
C GLY A 544 -31.48 -4.50 22.13
N HIS A 545 -32.69 -4.71 22.64
CA HIS A 545 -33.65 -3.62 22.74
C HIS A 545 -33.42 -2.80 24.02
N LYS A 546 -32.62 -3.36 24.93
CA LYS A 546 -32.25 -2.68 26.15
C LYS A 546 -31.23 -1.58 25.87
N GLU A 547 -31.36 -0.45 26.56
CA GLU A 547 -30.46 0.68 26.34
C GLU A 547 -29.43 0.78 27.46
N ILE A 548 -28.16 0.85 27.11
CA ILE A 548 -27.10 0.96 28.10
C ILE A 548 -26.21 2.17 27.86
N LEU A 549 -25.41 2.51 28.86
CA LEU A 549 -24.52 3.66 28.76
C LEU A 549 -23.05 3.22 28.82
N ILE A 550 -22.22 3.85 27.99
CA ILE A 550 -20.81 3.57 27.94
C ILE A 550 -20.03 4.84 28.23
N PRO A 551 -19.21 4.82 29.27
CA PRO A 551 -18.49 6.02 29.70
C PRO A 551 -17.44 6.45 28.68
N VAL A 552 -17.38 7.75 28.39
CA VAL A 552 -16.37 8.31 27.51
C VAL A 552 -15.42 9.19 28.33
N PHE A 553 -14.14 8.85 28.34
CA PHE A 553 -13.17 9.59 29.12
C PHE A 553 -12.32 10.53 28.29
N LYS A 554 -11.99 11.67 28.88
CA LYS A 554 -11.13 12.65 28.25
C LYS A 554 -9.71 12.13 28.35
N ASN A 555 -9.40 11.51 29.48
CA ASN A 555 -8.06 11.04 29.71
C ASN A 555 -7.97 9.52 29.74
N MET A 556 -6.94 9.02 29.07
CA MET A 556 -6.74 7.60 28.92
C MET A 556 -6.49 6.94 30.27
N ALA A 557 -5.73 7.64 31.12
CA ALA A 557 -5.43 7.09 32.45
C ALA A 557 -6.71 6.76 33.20
N ASP A 558 -7.67 7.69 33.18
CA ASP A 558 -8.93 7.47 33.87
C ASP A 558 -9.58 6.18 33.38
N ALA A 559 -9.79 6.09 32.08
CA ALA A 559 -10.44 4.91 31.50
C ALA A 559 -9.73 3.64 31.91
N MET A 560 -8.39 3.66 31.90
CA MET A 560 -7.62 2.47 32.26
C MET A 560 -7.87 2.07 33.71
N ARG A 561 -7.66 3.02 34.63
CA ARG A 561 -7.80 2.73 36.05
C ARG A 561 -9.21 2.30 36.45
N LYS A 562 -10.22 2.92 35.85
CA LYS A 562 -11.59 2.53 36.15
C LYS A 562 -11.99 1.22 35.48
N HIS A 563 -11.25 0.80 34.47
CA HIS A 563 -11.52 -0.47 33.83
C HIS A 563 -10.24 -1.25 33.66
N PRO A 564 -9.74 -1.84 34.76
CA PRO A 564 -8.47 -2.58 34.75
C PRO A 564 -8.65 -3.94 34.13
N GLU A 565 -9.91 -4.31 33.85
CA GLU A 565 -10.21 -5.59 33.24
C GLU A 565 -10.08 -5.50 31.72
N VAL A 566 -9.90 -4.29 31.20
CA VAL A 566 -9.68 -4.09 29.77
C VAL A 566 -8.26 -4.45 29.37
N ASP A 567 -8.14 -5.26 28.33
CA ASP A 567 -6.82 -5.64 27.81
C ASP A 567 -6.71 -5.41 26.30
N VAL A 568 -7.75 -4.83 25.71
CA VAL A 568 -7.68 -4.46 24.29
C VAL A 568 -7.96 -2.99 24.04
N LEU A 569 -7.15 -2.35 23.22
CA LEU A 569 -7.52 -1.03 22.73
C LEU A 569 -7.70 -0.97 21.22
N ILE A 570 -8.84 -0.43 20.80
CA ILE A 570 -9.10 -0.24 19.38
C ILE A 570 -8.97 1.24 19.04
N ASN A 571 -7.91 1.59 18.30
CA ASN A 571 -7.56 2.98 18.06
C ASN A 571 -8.08 3.54 16.75
N PHE A 572 -9.10 4.39 16.84
CA PHE A 572 -9.68 5.02 15.67
C PHE A 572 -9.11 6.43 15.50
N ALA A 573 -8.06 6.76 16.23
CA ALA A 573 -7.46 8.09 16.08
C ALA A 573 -7.30 8.41 14.61
N SER A 574 -7.62 9.64 14.24
CA SER A 574 -7.32 10.09 12.90
C SER A 574 -5.81 10.10 12.75
N LEU A 575 -5.38 10.29 11.52
CA LEU A 575 -3.99 10.23 11.14
C LEU A 575 -3.02 11.10 11.97
N ARG A 576 -3.47 12.27 12.42
CA ARG A 576 -2.59 13.17 13.17
C ARG A 576 -2.48 12.82 14.64
N SER A 577 -3.39 12.00 15.15
CA SER A 577 -3.32 11.61 16.56
C SER A 577 -2.88 10.14 16.77
N ALA A 578 -2.88 9.35 15.70
CA ALA A 578 -2.68 7.90 15.80
C ALA A 578 -1.33 7.50 16.41
N TYR A 579 -0.26 8.18 16.03
CA TYR A 579 1.06 7.85 16.56
C TYR A 579 1.14 8.08 18.07
N ASP A 580 0.72 9.25 18.52
CA ASP A 580 0.86 9.61 19.92
C ASP A 580 -0.04 8.78 20.85
N SER A 581 -1.28 8.58 20.43
CA SER A 581 -2.24 7.83 21.24
C SER A 581 -1.82 6.37 21.38
N THR A 582 -1.17 5.85 20.36
CA THR A 582 -0.75 4.46 20.40
C THR A 582 0.46 4.33 21.31
N MET A 583 1.40 5.25 21.21
CA MET A 583 2.55 5.23 22.10
C MET A 583 2.11 5.37 23.55
N GLU A 584 1.14 6.24 23.78
CA GLU A 584 0.61 6.47 25.13
C GLU A 584 -0.04 5.23 25.71
N THR A 585 -0.87 4.58 24.89
CA THR A 585 -1.55 3.35 25.28
C THR A 585 -0.59 2.29 25.81
N MET A 586 0.59 2.22 25.20
CA MET A 586 1.57 1.22 25.59
C MET A 586 2.33 1.60 26.89
N ASN A 587 1.92 2.69 27.51
CA ASN A 587 2.37 2.99 28.86
C ASN A 587 1.50 2.32 29.92
N TYR A 588 0.47 1.59 29.47
CA TYR A 588 -0.42 0.89 30.38
C TYR A 588 -0.39 -0.60 30.09
N ALA A 589 0.32 -1.33 30.94
CA ALA A 589 0.60 -2.75 30.73
C ALA A 589 -0.63 -3.65 30.63
N GLN A 590 -1.78 -3.16 31.07
CA GLN A 590 -2.98 -3.99 30.97
C GLN A 590 -3.36 -4.22 29.52
N ILE A 591 -3.01 -3.27 28.65
CA ILE A 591 -3.34 -3.41 27.24
C ILE A 591 -2.35 -4.33 26.54
N ARG A 592 -2.83 -5.50 26.09
CA ARG A 592 -1.96 -6.51 25.45
C ARG A 592 -2.14 -6.53 23.94
N THR A 593 -3.23 -5.94 23.46
CA THR A 593 -3.52 -5.92 22.05
C THR A 593 -4.09 -4.57 21.60
N ILE A 594 -3.51 -4.02 20.54
CA ILE A 594 -3.96 -2.75 19.98
C ILE A 594 -4.23 -2.89 18.49
N ALA A 595 -5.45 -2.50 18.09
CA ALA A 595 -5.78 -2.39 16.69
C ALA A 595 -5.69 -0.94 16.26
N ILE A 596 -4.88 -0.67 15.24
CA ILE A 596 -4.73 0.68 14.73
C ILE A 596 -5.39 0.83 13.39
N ILE A 597 -6.44 1.64 13.36
CA ILE A 597 -7.26 1.70 12.16
C ILE A 597 -6.69 2.63 11.07
N ALA A 598 -6.23 3.81 11.49
CA ALA A 598 -5.82 4.87 10.58
C ALA A 598 -4.90 4.41 9.45
N GLU A 599 -5.17 4.93 8.26
CA GLU A 599 -4.30 4.76 7.12
C GLU A 599 -3.50 6.04 6.96
N GLY A 600 -2.33 5.95 6.35
CA GLY A 600 -1.52 7.12 6.15
C GLY A 600 -0.54 7.50 7.24
N ILE A 601 -0.26 6.59 8.18
CA ILE A 601 0.79 6.85 9.17
C ILE A 601 2.18 6.65 8.56
N PRO A 602 3.04 7.67 8.64
CA PRO A 602 4.39 7.54 8.07
C PRO A 602 5.13 6.29 8.54
N GLU A 603 5.80 5.65 7.61
CA GLU A 603 6.55 4.42 7.89
C GLU A 603 7.54 4.56 9.06
N ALA A 604 8.27 5.67 9.14
CA ALA A 604 9.24 5.85 10.21
C ALA A 604 8.58 5.93 11.59
N LEU A 605 7.33 6.37 11.65
CA LEU A 605 6.62 6.40 12.91
C LEU A 605 6.13 5.00 13.27
N THR A 606 5.62 4.28 12.29
CA THR A 606 5.18 2.93 12.54
C THR A 606 6.34 2.07 13.03
N ARG A 607 7.55 2.31 12.54
CA ARG A 607 8.72 1.55 13.03
C ARG A 607 8.91 1.78 14.53
N LYS A 608 8.69 3.01 14.99
CA LYS A 608 8.82 3.29 16.42
C LYS A 608 7.73 2.59 17.23
N LEU A 609 6.51 2.59 16.71
CA LEU A 609 5.42 1.87 17.37
C LEU A 609 5.76 0.39 17.55
N ILE A 610 6.25 -0.21 16.47
CA ILE A 610 6.66 -1.60 16.46
C ILE A 610 7.75 -1.90 17.47
N LYS A 611 8.76 -1.04 17.51
CA LYS A 611 9.84 -1.20 18.46
C LYS A 611 9.32 -1.26 19.90
N LYS A 612 8.51 -0.28 20.26
CA LYS A 612 7.97 -0.23 21.62
C LYS A 612 7.09 -1.43 21.92
N ALA A 613 6.23 -1.80 20.97
CA ALA A 613 5.35 -2.96 21.16
C ALA A 613 6.17 -4.22 21.38
N ASP A 614 7.19 -4.44 20.59
CA ASP A 614 8.04 -5.60 20.79
C ASP A 614 8.65 -5.58 22.22
N GLN A 615 9.14 -4.42 22.64
CA GLN A 615 9.71 -4.25 23.99
C GLN A 615 8.70 -4.59 25.06
N LYS A 616 7.45 -4.16 24.82
CA LYS A 616 6.41 -4.18 25.83
C LYS A 616 5.62 -5.46 25.83
N GLY A 617 5.85 -6.31 24.84
CA GLY A 617 5.10 -7.56 24.71
C GLY A 617 3.67 -7.39 24.20
N VAL A 618 3.42 -6.26 23.54
CA VAL A 618 2.08 -5.94 23.06
C VAL A 618 1.89 -6.31 21.59
N THR A 619 0.76 -6.95 21.27
CA THR A 619 0.46 -7.29 19.88
C THR A 619 -0.29 -6.15 19.18
N ILE A 620 0.21 -5.76 18.01
CA ILE A 620 -0.38 -4.67 17.25
C ILE A 620 -0.94 -5.22 15.96
N ILE A 621 -2.20 -4.90 15.68
CA ILE A 621 -2.86 -5.27 14.43
C ILE A 621 -3.13 -4.00 13.65
N GLY A 622 -2.47 -3.84 12.51
CA GLY A 622 -2.53 -2.60 11.76
C GLY A 622 -1.14 -2.03 11.65
N PRO A 623 -1.00 -0.77 11.22
CA PRO A 623 -2.05 0.22 10.94
C PRO A 623 -2.79 -0.06 9.64
N ALA A 624 -3.72 0.81 9.30
CA ALA A 624 -4.37 0.78 7.99
C ALA A 624 -5.18 -0.48 7.81
N THR A 625 -5.91 -0.86 8.85
CA THR A 625 -6.71 -2.06 8.80
C THR A 625 -8.09 -1.87 9.41
N VAL A 626 -9.06 -2.64 8.92
CA VAL A 626 -10.40 -2.67 9.51
C VAL A 626 -10.33 -3.46 10.81
N GLY A 627 -9.38 -4.39 10.90
CA GLY A 627 -9.16 -5.08 12.15
C GLY A 627 -9.08 -6.59 12.05
N GLY A 628 -10.22 -7.25 12.24
CA GLY A 628 -10.27 -8.70 12.37
C GLY A 628 -11.47 -9.14 13.19
N ILE A 629 -11.67 -10.45 13.28
CA ILE A 629 -12.87 -10.97 13.93
C ILE A 629 -12.63 -12.34 14.54
N LYS A 630 -13.23 -12.58 15.70
CA LYS A 630 -13.20 -13.90 16.30
C LYS A 630 -14.62 -14.36 16.64
N PRO A 631 -15.29 -15.00 15.68
CA PRO A 631 -16.69 -15.38 15.86
C PRO A 631 -16.99 -15.90 17.27
N GLY A 632 -18.15 -15.50 17.81
CA GLY A 632 -18.54 -15.90 19.15
C GLY A 632 -17.94 -15.08 20.28
N CYS A 633 -16.85 -14.37 20.02
CA CYS A 633 -16.09 -13.76 21.11
C CYS A 633 -15.95 -12.25 20.97
N PHE A 634 -15.52 -11.80 19.80
CA PHE A 634 -15.05 -10.43 19.68
C PHE A 634 -14.83 -10.03 18.24
N LYS A 635 -15.15 -8.80 17.89
CA LYS A 635 -14.85 -8.28 16.57
C LYS A 635 -14.36 -6.84 16.63
N ILE A 636 -13.41 -6.50 15.77
CA ILE A 636 -12.80 -5.18 15.79
C ILE A 636 -13.58 -4.18 14.92
N GLY A 637 -14.09 -3.13 15.57
CA GLY A 637 -14.76 -2.05 14.88
C GLY A 637 -15.72 -2.50 13.81
N ASN A 638 -15.51 -2.00 12.59
CA ASN A 638 -16.40 -2.26 11.46
C ASN A 638 -16.22 -3.62 10.78
N THR A 639 -15.23 -4.40 11.24
CA THR A 639 -14.96 -5.70 10.67
C THR A 639 -16.23 -6.53 10.56
N GLY A 640 -16.54 -7.01 9.37
CA GLY A 640 -17.69 -7.87 9.20
C GLY A 640 -18.97 -7.18 8.79
N GLY A 641 -18.93 -5.87 8.59
CA GLY A 641 -20.09 -5.13 8.09
C GLY A 641 -21.33 -5.18 8.99
N MET A 642 -22.49 -4.97 8.37
CA MET A 642 -23.75 -4.99 9.10
C MET A 642 -24.05 -6.38 9.65
N LEU A 643 -25.02 -6.46 10.56
CA LEU A 643 -25.51 -7.73 11.08
C LEU A 643 -25.93 -8.67 9.95
N ASP A 644 -26.47 -8.09 8.90
CA ASP A 644 -26.88 -8.85 7.72
C ASP A 644 -25.78 -9.82 7.30
N ASN A 645 -24.57 -9.30 7.16
CA ASN A 645 -23.42 -10.07 6.72
C ASN A 645 -22.82 -10.93 7.83
N ILE A 646 -22.94 -10.47 9.07
CA ILE A 646 -22.52 -11.28 10.21
C ILE A 646 -23.32 -12.58 10.26
N LEU A 647 -24.61 -12.51 9.95
CA LEU A 647 -25.48 -13.68 10.00
C LEU A 647 -25.27 -14.59 8.80
N ALA A 648 -25.26 -14.03 7.61
CA ALA A 648 -25.10 -14.81 6.39
C ALA A 648 -23.77 -15.60 6.39
N SER A 649 -22.71 -15.00 6.93
CA SER A 649 -21.42 -15.66 6.98
C SER A 649 -21.21 -16.40 8.29
N LYS A 650 -22.29 -16.54 9.06
CA LYS A 650 -22.28 -17.25 10.34
C LYS A 650 -21.15 -16.85 11.30
N LEU A 651 -20.85 -15.56 11.38
CA LEU A 651 -19.75 -15.09 12.23
C LEU A 651 -20.16 -15.02 13.71
N TYR A 652 -21.36 -15.48 14.02
CA TYR A 652 -21.86 -15.41 15.40
C TYR A 652 -21.44 -16.62 16.23
N ARG A 653 -20.88 -17.63 15.58
CA ARG A 653 -20.33 -18.80 16.27
C ARG A 653 -19.06 -19.31 15.57
N PRO A 654 -18.14 -19.91 16.33
CA PRO A 654 -16.83 -20.34 15.82
C PRO A 654 -16.92 -21.50 14.86
N GLY A 655 -15.97 -21.55 13.93
CA GLY A 655 -15.72 -22.72 13.13
C GLY A 655 -14.32 -23.20 13.47
N SER A 656 -13.64 -23.83 12.52
CA SER A 656 -12.33 -24.40 12.78
C SER A 656 -11.26 -23.76 11.90
N VAL A 657 -11.65 -22.78 11.11
CA VAL A 657 -10.72 -22.20 10.15
C VAL A 657 -10.22 -20.80 10.52
N ALA A 658 -8.92 -20.66 10.68
CA ALA A 658 -8.30 -19.37 10.93
C ALA A 658 -7.66 -18.82 9.67
N TYR A 659 -7.67 -17.50 9.50
CA TYR A 659 -7.06 -16.87 8.33
C TYR A 659 -6.37 -15.54 8.62
N VAL A 660 -5.49 -15.15 7.70
CA VAL A 660 -4.87 -13.84 7.78
C VAL A 660 -4.65 -13.30 6.35
N SER A 661 -4.92 -12.00 6.14
CA SER A 661 -4.57 -11.34 4.89
C SER A 661 -4.21 -9.88 5.15
N ARG A 662 -3.68 -9.19 4.15
CA ARG A 662 -3.41 -7.77 4.30
C ARG A 662 -4.72 -6.96 4.28
N SER A 663 -5.58 -7.28 3.32
CA SER A 663 -6.77 -6.47 3.05
C SER A 663 -8.01 -6.89 3.83
N GLY A 664 -8.74 -5.91 4.35
CA GLY A 664 -10.01 -6.13 5.02
C GLY A 664 -11.14 -6.42 4.04
N GLY A 665 -11.03 -5.89 2.83
CA GLY A 665 -11.99 -6.18 1.79
C GLY A 665 -11.99 -7.66 1.50
N MET A 666 -10.80 -8.21 1.27
CA MET A 666 -10.66 -9.61 0.94
C MET A 666 -10.87 -10.47 2.19
N SER A 667 -10.66 -9.90 3.37
CA SER A 667 -10.91 -10.66 4.58
C SER A 667 -12.39 -10.96 4.75
N ASN A 668 -13.23 -9.97 4.49
CA ASN A 668 -14.65 -10.21 4.46
C ASN A 668 -15.04 -11.24 3.37
N GLU A 669 -14.36 -11.19 2.23
CA GLU A 669 -14.56 -12.22 1.21
C GLU A 669 -14.17 -13.60 1.74
N LEU A 670 -13.06 -13.67 2.47
CA LEU A 670 -12.64 -14.94 3.10
C LEU A 670 -13.69 -15.42 4.09
N ASN A 671 -14.30 -14.49 4.84
CA ASN A 671 -15.41 -14.84 5.72
C ASN A 671 -16.51 -15.54 4.93
N ASN A 672 -16.89 -14.93 3.82
CA ASN A 672 -17.89 -15.48 2.93
C ASN A 672 -17.47 -16.86 2.41
N ILE A 673 -16.30 -16.91 1.77
CA ILE A 673 -15.83 -18.15 1.17
C ILE A 673 -15.72 -19.24 2.21
N ILE A 674 -15.13 -18.93 3.35
CA ILE A 674 -14.92 -19.92 4.39
C ILE A 674 -16.24 -20.42 4.99
N SER A 675 -17.23 -19.53 5.11
CA SER A 675 -18.51 -19.92 5.71
C SER A 675 -19.35 -20.78 4.75
N ARG A 676 -19.09 -20.66 3.45
CA ARG A 676 -19.82 -21.46 2.48
C ARG A 676 -19.20 -22.81 2.21
N THR A 677 -17.96 -23.01 2.65
CA THR A 677 -17.21 -24.22 2.30
C THR A 677 -16.72 -25.01 3.51
N THR A 678 -17.01 -24.52 4.71
CA THR A 678 -16.51 -25.20 5.90
C THR A 678 -17.47 -24.98 7.06
N ASP A 679 -17.07 -25.40 8.26
CA ASP A 679 -17.82 -25.13 9.47
C ASP A 679 -17.62 -23.69 9.95
N GLY A 680 -16.79 -22.93 9.25
CA GLY A 680 -16.73 -21.51 9.45
C GLY A 680 -15.46 -20.95 10.04
N VAL A 681 -15.42 -19.63 10.18
CA VAL A 681 -14.26 -18.93 10.70
C VAL A 681 -14.09 -19.14 12.19
N TYR A 682 -12.87 -19.50 12.59
CA TYR A 682 -12.52 -19.53 14.00
C TYR A 682 -11.95 -18.17 14.41
N GLU A 683 -11.10 -17.61 13.56
CA GLU A 683 -10.51 -16.29 13.80
C GLU A 683 -9.94 -15.77 12.49
N GLY A 684 -10.14 -14.50 12.20
CA GLY A 684 -9.56 -13.90 11.02
C GLY A 684 -8.89 -12.62 11.44
N VAL A 685 -7.81 -12.24 10.76
CA VAL A 685 -7.10 -11.01 11.04
C VAL A 685 -6.66 -10.35 9.74
N ALA A 686 -6.81 -9.03 9.67
CA ALA A 686 -6.29 -8.25 8.56
C ALA A 686 -5.11 -7.43 9.04
N ILE A 687 -3.90 -7.73 8.57
CA ILE A 687 -2.73 -7.03 9.12
C ILE A 687 -2.54 -5.64 8.53
N GLY A 688 -3.34 -5.30 7.53
CA GLY A 688 -3.26 -3.99 6.92
C GLY A 688 -2.19 -3.97 5.85
N GLY A 689 -2.24 -2.97 4.98
CA GLY A 689 -1.33 -2.93 3.84
C GLY A 689 -0.15 -1.97 3.90
N ASP A 690 0.26 -1.55 5.10
CA ASP A 690 1.41 -0.66 5.20
C ASP A 690 2.72 -1.44 5.00
N ARG A 691 3.79 -0.74 4.61
CA ARG A 691 5.05 -1.44 4.38
C ARG A 691 5.51 -2.24 5.61
N TYR A 692 5.34 -1.67 6.80
CA TYR A 692 5.70 -2.38 8.03
C TYR A 692 4.48 -2.56 8.93
N PRO A 693 3.77 -3.68 8.77
CA PRO A 693 2.60 -3.98 9.60
C PRO A 693 3.05 -4.29 11.03
N GLY A 694 2.24 -3.90 12.03
CA GLY A 694 2.59 -4.11 13.42
C GLY A 694 2.77 -5.58 13.75
N SER A 695 1.98 -6.43 13.12
CA SER A 695 2.15 -7.88 13.22
C SER A 695 2.05 -8.52 11.83
N THR A 696 2.83 -9.57 11.62
CA THR A 696 3.03 -10.13 10.28
C THR A 696 2.17 -11.37 10.05
N PHE A 697 2.20 -11.92 8.82
CA PHE A 697 1.50 -13.16 8.50
C PHE A 697 1.97 -14.26 9.46
N MET A 698 3.29 -14.36 9.61
CA MET A 698 3.89 -15.41 10.42
C MET A 698 3.52 -15.26 11.91
N ASP A 699 3.48 -14.04 12.41
CA ASP A 699 3.04 -13.83 13.78
C ASP A 699 1.69 -14.52 14.06
N HIS A 700 0.74 -14.38 13.14
CA HIS A 700 -0.58 -14.94 13.38
C HIS A 700 -0.67 -16.43 13.05
N VAL A 701 -0.01 -16.83 11.98
CA VAL A 701 0.08 -18.23 11.64
C VAL A 701 0.67 -19.02 12.84
N LEU A 702 1.67 -18.45 13.50
CA LEU A 702 2.21 -19.09 14.71
C LEU A 702 1.14 -19.21 15.80
N ARG A 703 0.42 -18.13 16.06
CA ARG A 703 -0.64 -18.20 17.07
C ARG A 703 -1.61 -19.32 16.72
N TYR A 704 -1.96 -19.42 15.45
CA TYR A 704 -2.99 -20.34 15.00
C TYR A 704 -2.52 -21.78 15.18
N GLN A 705 -1.23 -22.00 14.96
CA GLN A 705 -0.61 -23.30 15.14
C GLN A 705 -0.78 -23.72 16.59
N ASP A 706 -0.66 -22.74 17.49
CA ASP A 706 -0.75 -22.97 18.93
C ASP A 706 -2.17 -22.87 19.51
N THR A 707 -3.17 -22.76 18.66
CA THR A 707 -4.56 -22.66 19.11
C THR A 707 -5.31 -23.95 18.81
N PRO A 708 -5.51 -24.79 19.84
CA PRO A 708 -6.16 -26.09 19.65
C PRO A 708 -7.42 -26.01 18.78
N GLY A 709 -8.25 -24.99 19.00
CA GLY A 709 -9.48 -24.85 18.26
C GLY A 709 -9.31 -24.64 16.76
N VAL A 710 -8.12 -24.21 16.36
CA VAL A 710 -7.82 -24.02 14.95
C VAL A 710 -7.31 -25.31 14.33
N LYS A 711 -8.02 -25.81 13.31
CA LYS A 711 -7.64 -27.07 12.66
C LYS A 711 -7.01 -26.88 11.26
N MET A 712 -7.32 -25.77 10.62
CA MET A 712 -6.68 -25.40 9.36
C MET A 712 -6.55 -23.89 9.23
N ILE A 713 -5.59 -23.46 8.41
CA ILE A 713 -5.19 -22.06 8.34
C ILE A 713 -5.19 -21.59 6.90
N VAL A 714 -5.81 -20.45 6.65
CA VAL A 714 -5.82 -19.85 5.32
C VAL A 714 -5.04 -18.55 5.32
N VAL A 715 -4.14 -18.41 4.37
CA VAL A 715 -3.34 -17.21 4.23
C VAL A 715 -3.54 -16.69 2.83
N LEU A 716 -4.00 -15.44 2.72
CA LEU A 716 -4.06 -14.81 1.43
C LEU A 716 -2.88 -13.85 1.33
N GLY A 717 -1.86 -14.27 0.60
CA GLY A 717 -0.63 -13.51 0.49
C GLY A 717 -0.66 -12.59 -0.70
N GLU A 718 0.51 -12.09 -1.08
CA GLU A 718 0.54 -10.99 -2.02
C GLU A 718 1.93 -10.72 -2.58
N ILE A 719 1.98 -10.33 -3.85
CA ILE A 719 3.22 -9.89 -4.46
C ILE A 719 3.90 -8.87 -3.57
N GLY A 720 5.22 -8.93 -3.47
CA GLY A 720 5.97 -7.98 -2.67
C GLY A 720 6.47 -8.54 -1.35
N GLY A 721 7.74 -8.34 -1.07
CA GLY A 721 8.32 -8.81 0.18
C GLY A 721 8.49 -10.32 0.17
N THR A 722 8.98 -10.86 1.29
CA THR A 722 9.31 -12.27 1.38
C THR A 722 8.65 -12.91 2.59
N GLU A 723 7.59 -12.29 3.08
CA GLU A 723 6.93 -12.79 4.29
C GLU A 723 6.56 -14.27 4.21
N GLU A 724 6.01 -14.69 3.08
CA GLU A 724 5.46 -16.04 2.95
C GLU A 724 6.52 -17.16 3.01
N TYR A 725 7.79 -16.82 2.74
CA TYR A 725 8.85 -17.83 2.81
C TYR A 725 9.10 -18.25 4.25
N LYS A 726 8.78 -17.37 5.19
CA LYS A 726 8.81 -17.70 6.61
C LYS A 726 7.87 -18.86 6.88
N ILE A 727 6.72 -18.85 6.23
CA ILE A 727 5.79 -19.96 6.37
C ILE A 727 6.38 -21.29 5.85
N CYS A 728 7.11 -21.26 4.73
CA CYS A 728 7.79 -22.44 4.20
C CYS A 728 8.78 -23.00 5.19
N ARG A 729 9.78 -22.18 5.52
CA ARG A 729 10.79 -22.56 6.49
C ARG A 729 10.13 -23.08 7.77
N GLY A 730 9.01 -22.48 8.16
CA GLY A 730 8.30 -22.91 9.35
C GLY A 730 7.84 -24.34 9.24
N ILE A 731 7.35 -24.72 8.07
CA ILE A 731 6.90 -26.10 7.83
C ILE A 731 8.08 -27.05 7.70
N LYS A 732 9.13 -26.60 7.03
CA LYS A 732 10.30 -27.44 6.85
C LYS A 732 11.03 -27.68 8.16
N GLU A 733 10.97 -26.71 9.07
CA GLU A 733 11.61 -26.86 10.38
C GLU A 733 10.69 -27.57 11.37
N GLY A 734 9.53 -28.01 10.90
CA GLY A 734 8.58 -28.69 11.76
C GLY A 734 7.86 -27.82 12.79
N ARG A 735 8.03 -26.52 12.71
CA ARG A 735 7.26 -25.62 13.58
C ARG A 735 5.78 -25.57 13.23
N LEU A 736 5.46 -25.62 11.93
CA LEU A 736 4.08 -25.55 11.48
C LEU A 736 3.60 -26.90 10.97
N THR A 737 2.53 -27.44 11.55
CA THR A 737 2.08 -28.78 11.21
C THR A 737 0.63 -28.87 10.74
N LYS A 738 -0.19 -27.87 11.04
CA LYS A 738 -1.58 -27.93 10.61
C LYS A 738 -1.64 -27.63 9.13
N PRO A 739 -2.65 -28.14 8.44
CA PRO A 739 -2.77 -27.84 7.01
C PRO A 739 -2.91 -26.32 6.79
N ILE A 740 -2.14 -25.80 5.85
CA ILE A 740 -2.13 -24.38 5.52
C ILE A 740 -2.53 -24.22 4.06
N VAL A 741 -3.59 -23.47 3.81
CA VAL A 741 -3.97 -23.09 2.47
C VAL A 741 -3.43 -21.68 2.20
N CYS A 742 -2.79 -21.48 1.06
CA CYS A 742 -2.29 -20.14 0.74
C CYS A 742 -2.44 -19.84 -0.73
N TRP A 743 -2.81 -18.60 -1.04
CA TRP A 743 -2.79 -18.10 -2.41
C TRP A 743 -2.28 -16.66 -2.39
N CYS A 744 -1.27 -16.38 -3.22
CA CYS A 744 -0.73 -15.02 -3.28
C CYS A 744 -1.27 -14.27 -4.48
N ILE A 745 -1.96 -13.16 -4.23
CA ILE A 745 -2.53 -12.39 -5.32
C ILE A 745 -1.45 -11.53 -5.97
N GLY A 746 -1.67 -11.11 -7.20
CA GLY A 746 -0.72 -10.31 -7.94
C GLY A 746 0.08 -11.06 -8.99
N THR A 747 -0.46 -12.18 -9.46
CA THR A 747 0.24 -13.02 -10.43
C THR A 747 0.42 -12.34 -11.78
N CYS A 748 -0.51 -11.47 -12.15
CA CYS A 748 -0.43 -10.78 -13.42
C CYS A 748 0.24 -9.42 -13.28
N ALA A 749 0.46 -9.00 -12.03
CA ALA A 749 1.04 -7.68 -11.78
C ALA A 749 2.30 -7.46 -12.60
N THR A 750 3.08 -8.52 -12.77
CA THR A 750 4.37 -8.42 -13.46
C THR A 750 4.25 -7.85 -14.88
N MET A 751 3.13 -8.14 -15.55
CA MET A 751 2.84 -7.54 -16.85
C MET A 751 2.04 -6.25 -16.68
N GLN A 767 12.99 -7.61 -6.58
CA GLN A 767 13.56 -8.94 -6.70
C GLN A 767 12.50 -9.97 -7.09
N ALA A 768 12.92 -11.01 -7.83
CA ALA A 768 11.97 -11.93 -8.44
C ALA A 768 11.35 -12.95 -7.49
N SER A 769 12.02 -13.22 -6.37
CA SER A 769 11.49 -14.16 -5.39
C SER A 769 10.30 -13.54 -4.70
N GLU A 770 10.15 -12.23 -4.88
CA GLU A 770 9.07 -11.48 -4.26
C GLU A 770 7.77 -11.47 -5.06
N THR A 771 7.78 -12.03 -6.27
CA THR A 771 6.56 -12.09 -7.06
C THR A 771 5.57 -13.10 -6.48
N ALA A 772 4.29 -12.88 -6.75
CA ALA A 772 3.25 -13.78 -6.30
C ALA A 772 3.44 -15.17 -6.91
N VAL A 773 3.90 -15.20 -8.16
CA VAL A 773 4.14 -16.47 -8.87
C VAL A 773 5.27 -17.27 -8.22
N ALA A 774 6.42 -16.64 -8.04
CA ALA A 774 7.54 -17.28 -7.33
C ALA A 774 7.06 -17.85 -6.00
N LYS A 775 6.26 -17.06 -5.27
CA LYS A 775 5.80 -17.46 -3.94
C LYS A 775 4.80 -18.62 -3.95
N ASN A 776 3.76 -18.52 -4.77
CA ASN A 776 2.81 -19.61 -4.91
C ASN A 776 3.53 -20.93 -5.23
N GLN A 777 4.46 -20.89 -6.16
CA GLN A 777 5.19 -22.10 -6.55
C GLN A 777 6.05 -22.65 -5.41
N ALA A 778 6.79 -21.77 -4.74
CA ALA A 778 7.64 -22.18 -3.64
C ALA A 778 6.85 -22.73 -2.46
N LEU A 779 5.69 -22.13 -2.17
CA LEU A 779 4.85 -22.62 -1.08
C LEU A 779 4.24 -23.97 -1.44
N LYS A 780 3.86 -24.11 -2.70
CA LYS A 780 3.28 -25.37 -3.17
C LYS A 780 4.27 -26.53 -2.97
N GLU A 781 5.55 -26.26 -3.18
CA GLU A 781 6.58 -27.29 -3.07
C GLU A 781 6.89 -27.73 -1.64
N ALA A 782 6.54 -26.89 -0.66
CA ALA A 782 6.83 -27.20 0.74
C ALA A 782 5.68 -27.94 1.43
N GLY A 783 4.62 -28.25 0.70
CA GLY A 783 3.46 -28.90 1.31
C GLY A 783 2.30 -27.99 1.68
N VAL A 784 2.36 -26.73 1.23
CA VAL A 784 1.23 -25.82 1.39
C VAL A 784 0.22 -26.11 0.28
N PHE A 785 -1.06 -26.11 0.61
CA PHE A 785 -2.11 -26.31 -0.40
C PHE A 785 -2.38 -25.01 -1.18
N VAL A 786 -1.80 -24.91 -2.37
CA VAL A 786 -1.94 -23.71 -3.19
C VAL A 786 -2.87 -24.03 -4.34
N PRO A 787 -3.94 -23.25 -4.52
CA PRO A 787 -4.84 -23.59 -5.63
C PRO A 787 -4.21 -23.12 -6.92
N ARG A 788 -4.81 -23.43 -8.07
CA ARG A 788 -4.24 -22.98 -9.34
C ARG A 788 -4.46 -21.49 -9.57
N SER A 789 -5.47 -20.95 -8.90
CA SER A 789 -5.86 -19.55 -9.05
C SER A 789 -6.86 -19.16 -7.97
N PHE A 790 -7.07 -17.86 -7.80
CA PHE A 790 -8.06 -17.43 -6.83
C PHE A 790 -9.39 -18.11 -7.15
N ASP A 791 -9.66 -18.31 -8.42
CA ASP A 791 -10.96 -18.83 -8.79
C ASP A 791 -11.23 -20.23 -8.21
N GLU A 792 -10.16 -20.95 -7.86
CA GLU A 792 -10.27 -22.28 -7.27
C GLU A 792 -9.95 -22.29 -5.78
N LEU A 793 -9.81 -21.11 -5.20
CA LEU A 793 -9.45 -20.99 -3.78
C LEU A 793 -10.51 -21.61 -2.88
N GLY A 794 -11.77 -21.33 -3.19
CA GLY A 794 -12.87 -21.93 -2.47
C GLY A 794 -12.84 -23.46 -2.54
N GLU A 795 -12.59 -24.01 -3.73
CA GLU A 795 -12.58 -25.47 -3.92
C GLU A 795 -11.57 -26.17 -3.02
N ILE A 796 -10.36 -25.62 -2.97
CA ILE A 796 -9.29 -26.28 -2.23
C ILE A 796 -9.53 -26.12 -0.73
N ILE A 797 -10.06 -24.97 -0.32
CA ILE A 797 -10.39 -24.79 1.08
C ILE A 797 -11.38 -25.89 1.44
N GLN A 798 -12.38 -26.09 0.60
CA GLN A 798 -13.41 -27.09 0.88
C GLN A 798 -12.84 -28.51 0.91
N SER A 799 -11.94 -28.80 -0.02
CA SER A 799 -11.31 -30.12 -0.10
C SER A 799 -10.47 -30.46 1.12
N VAL A 800 -9.63 -29.52 1.54
CA VAL A 800 -8.80 -29.70 2.71
C VAL A 800 -9.67 -29.86 3.96
N TYR A 801 -10.77 -29.13 4.02
CA TYR A 801 -11.72 -29.25 5.11
C TYR A 801 -12.39 -30.62 5.16
N GLU A 802 -12.92 -31.06 4.02
CA GLU A 802 -13.62 -32.35 3.98
C GLU A 802 -12.71 -33.51 4.40
N ASP A 803 -11.46 -33.46 3.95
CA ASP A 803 -10.47 -34.43 4.42
C ASP A 803 -10.27 -34.34 5.92
N LEU A 804 -10.28 -33.13 6.48
CA LEU A 804 -10.13 -33.00 7.93
C LEU A 804 -11.33 -33.55 8.68
N VAL A 805 -12.52 -33.43 8.10
CA VAL A 805 -13.71 -34.05 8.69
C VAL A 805 -13.59 -35.58 8.65
N ALA A 806 -13.29 -36.10 7.47
CA ALA A 806 -13.10 -37.54 7.26
C ALA A 806 -12.13 -38.16 8.25
N ASN A 807 -11.07 -37.43 8.59
CA ASN A 807 -10.02 -37.94 9.46
C ASN A 807 -10.29 -37.65 10.93
N GLY A 808 -11.51 -37.18 11.22
CA GLY A 808 -11.90 -36.90 12.58
C GLY A 808 -11.20 -35.75 13.26
N VAL A 809 -10.51 -34.91 12.49
CA VAL A 809 -9.81 -33.73 13.04
C VAL A 809 -10.75 -32.54 13.27
N ILE A 810 -11.75 -32.41 12.42
CA ILE A 810 -12.72 -31.34 12.56
C ILE A 810 -14.08 -31.93 12.86
N VAL A 811 -14.62 -31.57 14.03
CA VAL A 811 -15.98 -31.95 14.38
C VAL A 811 -16.91 -30.74 14.29
N PRO A 812 -17.71 -30.66 13.22
CA PRO A 812 -18.65 -29.54 13.06
C PRO A 812 -19.59 -29.43 14.28
#